data_3E0O
#
_entry.id   3E0O
#
_cell.length_a   136.114
_cell.length_b   136.114
_cell.length_c   61.925
_cell.angle_alpha   90.00
_cell.angle_beta   90.00
_cell.angle_gamma   120.00
#
_symmetry.space_group_name_H-M   'P 3'
#
loop_
_entity.id
_entity.type
_entity.pdbx_description
1 polymer 'Peptide methionine sulfoxide reductase msrB'
2 water water
#
_entity_poly.entity_id   1
_entity_poly.type   'polypeptide(L)'
_entity_poly.pdbx_seq_one_letter_code
;MMAYNKEEKIKSLNRMQYEVTQNNGTEPPFQNEYWDHKEEGLYVDIVSGKPLFTSKDKFDSQCGWPSFTKPIEEEVEEKL
DTSHGMIRTEVRSRTADSHLGHVFNDGPGPNGLRYCINSAALRFVPKHKLKEEGYESYLHLFNK
;
_entity_poly.pdbx_strand_id   A,B,C,D,E,F
#
# COMPACT_ATOMS: atom_id res chain seq x y z
N MET A 1 -6.93 -21.46 -14.95
CA MET A 1 -6.08 -20.37 -14.40
C MET A 1 -5.08 -20.91 -13.39
N MET A 2 -3.81 -20.60 -13.61
CA MET A 2 -2.73 -21.05 -12.76
C MET A 2 -2.83 -20.45 -11.36
N ALA A 3 -2.70 -21.30 -10.34
CA ALA A 3 -2.78 -20.87 -8.94
C ALA A 3 -1.95 -19.64 -8.57
N TYR A 4 -0.65 -19.66 -8.85
CA TYR A 4 0.19 -18.52 -8.51
C TYR A 4 -0.27 -17.20 -9.11
N ASN A 5 -0.67 -17.24 -10.39
CA ASN A 5 -1.16 -16.06 -11.07
C ASN A 5 -2.47 -15.62 -10.45
N LYS A 6 -3.36 -16.58 -10.29
CA LYS A 6 -4.66 -16.36 -9.69
C LYS A 6 -4.48 -15.52 -8.42
N GLU A 7 -3.56 -15.96 -7.57
CA GLU A 7 -3.26 -15.32 -6.30
C GLU A 7 -2.74 -13.90 -6.42
N GLU A 8 -1.90 -13.63 -7.42
CA GLU A 8 -1.36 -12.30 -7.61
C GLU A 8 -2.48 -11.30 -7.88
N LYS A 9 -3.42 -11.68 -8.75
CA LYS A 9 -4.57 -10.83 -9.07
C LYS A 9 -5.44 -10.58 -7.86
N ILE A 10 -5.69 -11.63 -7.07
CA ILE A 10 -6.52 -11.51 -5.87
C ILE A 10 -5.87 -10.52 -4.88
N LYS A 11 -4.56 -10.65 -4.72
CA LYS A 11 -3.83 -9.77 -3.82
C LYS A 11 -3.99 -8.33 -4.28
N SER A 12 -4.21 -8.16 -5.57
CA SER A 12 -4.35 -6.84 -6.15
C SER A 12 -5.72 -6.23 -5.93
N LEU A 13 -6.75 -7.07 -5.79
CA LEU A 13 -8.11 -6.58 -5.58
C LEU A 13 -8.19 -5.70 -4.32
N ASN A 14 -9.15 -4.78 -4.28
CA ASN A 14 -9.28 -3.97 -3.10
C ASN A 14 -10.27 -4.61 -2.13
N ARG A 15 -10.58 -3.91 -1.06
CA ARG A 15 -11.46 -4.42 -0.03
C ARG A 15 -12.77 -5.02 -0.56
N MET A 16 -13.65 -4.17 -1.09
CA MET A 16 -14.93 -4.60 -1.62
C MET A 16 -14.79 -5.64 -2.72
N GLN A 17 -13.91 -5.36 -3.67
CA GLN A 17 -13.64 -6.26 -4.79
C GLN A 17 -13.30 -7.66 -4.30
N TYR A 18 -12.44 -7.74 -3.28
CA TYR A 18 -12.07 -9.02 -2.72
C TYR A 18 -13.33 -9.61 -2.06
N GLU A 19 -13.98 -8.82 -1.23
CA GLU A 19 -15.19 -9.27 -0.53
C GLU A 19 -16.20 -9.94 -1.44
N VAL A 20 -16.62 -9.22 -2.48
CA VAL A 20 -17.58 -9.75 -3.43
C VAL A 20 -17.09 -11.00 -4.13
N THR A 21 -16.11 -10.84 -5.02
CA THR A 21 -15.54 -11.93 -5.82
C THR A 21 -15.05 -13.14 -5.03
N GLN A 22 -14.40 -12.89 -3.91
CA GLN A 22 -13.88 -13.98 -3.09
C GLN A 22 -14.84 -14.41 -2.01
N ASN A 23 -15.35 -13.48 -1.22
CA ASN A 23 -16.27 -13.83 -0.14
C ASN A 23 -17.75 -13.84 -0.53
N ASN A 24 -18.03 -13.82 -1.82
CA ASN A 24 -19.41 -13.84 -2.33
C ASN A 24 -20.33 -12.74 -1.79
N GLY A 25 -19.78 -11.55 -1.55
CA GLY A 25 -20.60 -10.44 -1.06
C GLY A 25 -21.18 -9.55 -2.16
N THR A 26 -21.90 -8.51 -1.77
CA THR A 26 -22.50 -7.61 -2.74
C THR A 26 -22.19 -6.13 -2.44
N GLU A 27 -21.90 -5.38 -3.49
CA GLU A 27 -21.58 -3.97 -3.32
C GLU A 27 -22.88 -3.18 -3.16
N PRO A 28 -22.81 -2.04 -2.46
CA PRO A 28 -23.98 -1.19 -2.23
C PRO A 28 -24.63 -0.74 -3.54
N PRO A 29 -25.96 -0.81 -3.63
CA PRO A 29 -26.67 -0.40 -4.86
C PRO A 29 -26.55 1.08 -5.18
N PHE A 30 -26.35 1.39 -6.46
CA PHE A 30 -26.22 2.77 -6.94
C PHE A 30 -24.88 3.39 -6.60
N GLN A 31 -24.09 2.73 -5.76
CA GLN A 31 -22.81 3.26 -5.37
C GLN A 31 -21.64 2.39 -5.82
N ASN A 32 -21.64 2.08 -7.10
CA ASN A 32 -20.57 1.29 -7.72
C ASN A 32 -20.25 1.92 -9.07
N GLU A 33 -19.09 1.58 -9.61
CA GLU A 33 -18.63 2.16 -10.86
C GLU A 33 -19.36 1.92 -12.17
N TYR A 34 -19.96 0.75 -12.37
CA TYR A 34 -20.61 0.53 -13.66
C TYR A 34 -22.12 0.40 -13.75
N TRP A 35 -22.83 0.73 -12.68
CA TRP A 35 -24.28 0.59 -12.75
C TRP A 35 -24.86 1.53 -13.81
N ASP A 36 -24.41 2.79 -13.78
CA ASP A 36 -24.90 3.79 -14.74
C ASP A 36 -23.97 4.01 -15.93
N HIS A 37 -22.93 3.18 -16.01
CA HIS A 37 -21.93 3.22 -17.07
C HIS A 37 -22.59 2.78 -18.37
N LYS A 38 -22.34 3.51 -19.46
CA LYS A 38 -22.93 3.20 -20.77
C LYS A 38 -21.98 3.39 -21.94
N GLU A 39 -20.74 2.92 -21.82
CA GLU A 39 -19.77 3.11 -22.90
C GLU A 39 -19.49 1.88 -23.77
N GLU A 40 -19.44 2.07 -25.08
CA GLU A 40 -19.19 0.96 -26.01
C GLU A 40 -17.95 0.23 -25.58
N GLY A 41 -18.11 -0.98 -25.07
CA GLY A 41 -16.95 -1.72 -24.63
C GLY A 41 -17.19 -3.09 -24.02
N LEU A 42 -16.11 -3.63 -23.46
CA LEU A 42 -16.08 -4.94 -22.85
C LEU A 42 -15.92 -4.87 -21.33
N TYR A 43 -16.67 -5.71 -20.62
CA TYR A 43 -16.58 -5.78 -19.17
C TYR A 43 -15.94 -7.15 -18.91
N VAL A 44 -14.65 -7.15 -18.60
CA VAL A 44 -13.94 -8.40 -18.36
C VAL A 44 -13.78 -8.77 -16.88
N ASP A 45 -13.51 -10.05 -16.65
CA ASP A 45 -13.32 -10.61 -15.31
C ASP A 45 -12.18 -9.82 -14.68
N ILE A 46 -12.37 -9.30 -13.48
CA ILE A 46 -11.32 -8.51 -12.83
C ILE A 46 -10.18 -9.37 -12.29
N VAL A 47 -10.27 -10.68 -12.44
CA VAL A 47 -9.20 -11.56 -11.97
C VAL A 47 -8.55 -12.32 -13.15
N SER A 48 -9.35 -13.10 -13.88
CA SER A 48 -8.83 -13.84 -15.02
C SER A 48 -8.73 -12.93 -16.24
N GLY A 49 -9.46 -11.83 -16.19
CA GLY A 49 -9.40 -10.87 -17.29
C GLY A 49 -10.12 -11.30 -18.55
N LYS A 50 -10.80 -12.43 -18.49
CA LYS A 50 -11.53 -12.90 -19.66
C LYS A 50 -12.80 -12.05 -19.79
N PRO A 51 -13.31 -11.87 -21.02
CA PRO A 51 -14.51 -11.06 -21.16
C PRO A 51 -15.76 -11.77 -20.65
N LEU A 52 -16.53 -11.04 -19.85
CA LEU A 52 -17.76 -11.54 -19.24
C LEU A 52 -19.00 -10.92 -19.88
N PHE A 53 -18.97 -9.61 -20.12
CA PHE A 53 -20.12 -8.96 -20.73
C PHE A 53 -19.74 -7.87 -21.68
N THR A 54 -20.68 -7.55 -22.57
CA THR A 54 -20.53 -6.51 -23.59
C THR A 54 -21.38 -5.32 -23.24
N SER A 55 -20.93 -4.11 -23.58
CA SER A 55 -21.71 -2.92 -23.28
C SER A 55 -23.02 -2.99 -24.04
N LYS A 56 -23.04 -3.80 -25.10
CA LYS A 56 -24.23 -3.96 -25.94
C LYS A 56 -25.41 -4.54 -25.17
N ASP A 57 -25.17 -5.68 -24.53
CA ASP A 57 -26.21 -6.37 -23.80
C ASP A 57 -26.52 -5.72 -22.45
N LYS A 58 -25.76 -4.69 -22.09
CA LYS A 58 -25.99 -3.99 -20.81
C LYS A 58 -27.22 -3.11 -20.99
N PHE A 59 -28.06 -3.02 -19.97
CA PHE A 59 -29.25 -2.20 -20.08
C PHE A 59 -29.64 -1.52 -18.79
N ASP A 60 -30.38 -0.41 -18.91
CA ASP A 60 -30.79 0.34 -17.73
C ASP A 60 -31.76 -0.41 -16.85
N SER A 61 -31.48 -0.38 -15.56
CA SER A 61 -32.27 -1.05 -14.55
C SER A 61 -32.35 -0.13 -13.31
N GLN A 62 -33.46 -0.17 -12.60
CA GLN A 62 -33.57 0.66 -11.43
C GLN A 62 -33.08 -0.10 -10.20
N CYS A 63 -32.31 -1.18 -10.43
CA CYS A 63 -31.79 -1.98 -9.32
C CYS A 63 -30.49 -1.46 -8.70
N GLY A 64 -29.70 -0.71 -9.47
CA GLY A 64 -28.47 -0.17 -8.92
C GLY A 64 -27.20 -0.98 -9.11
N TRP A 65 -27.22 -1.95 -10.03
CA TRP A 65 -26.06 -2.78 -10.32
C TRP A 65 -26.02 -3.05 -11.82
N PRO A 66 -24.82 -3.17 -12.40
CA PRO A 66 -24.73 -3.44 -13.84
C PRO A 66 -25.71 -4.56 -14.21
N SER A 67 -26.60 -4.27 -15.16
CA SER A 67 -27.58 -5.26 -15.59
C SER A 67 -27.39 -5.65 -17.04
N PHE A 68 -27.16 -6.94 -17.28
CA PHE A 68 -26.99 -7.42 -18.65
C PHE A 68 -28.02 -8.47 -18.95
N THR A 69 -28.41 -8.55 -20.21
CA THR A 69 -29.41 -9.52 -20.67
C THR A 69 -28.79 -10.88 -20.90
N LYS A 70 -27.46 -10.91 -21.04
CA LYS A 70 -26.74 -12.15 -21.28
C LYS A 70 -25.22 -11.97 -21.21
N PRO A 71 -24.48 -13.06 -20.94
CA PRO A 71 -23.02 -13.03 -20.84
C PRO A 71 -22.49 -13.39 -22.21
N ILE A 72 -21.19 -13.60 -22.27
CA ILE A 72 -20.61 -13.98 -23.53
C ILE A 72 -19.93 -15.33 -23.41
N GLU A 73 -19.71 -15.95 -24.56
CA GLU A 73 -19.05 -17.25 -24.71
C GLU A 73 -18.82 -18.12 -23.46
N GLU A 74 -19.90 -18.57 -22.84
CA GLU A 74 -19.83 -19.44 -21.66
C GLU A 74 -18.72 -19.14 -20.64
N GLU A 75 -18.32 -17.89 -20.47
CA GLU A 75 -17.30 -17.59 -19.49
C GLU A 75 -18.02 -17.30 -18.18
N VAL A 76 -19.34 -17.24 -18.24
CA VAL A 76 -20.19 -16.99 -17.08
C VAL A 76 -21.09 -18.21 -16.85
N GLU A 77 -21.13 -18.70 -15.61
CA GLU A 77 -21.94 -19.87 -15.34
C GLU A 77 -22.97 -19.65 -14.24
N GLU A 78 -24.11 -20.34 -14.38
CA GLU A 78 -25.18 -20.24 -13.41
C GLU A 78 -25.05 -21.42 -12.47
N LYS A 79 -25.56 -21.25 -11.27
CA LYS A 79 -25.50 -22.30 -10.27
C LYS A 79 -26.59 -22.02 -9.25
N LEU A 80 -27.26 -23.06 -8.78
CA LEU A 80 -28.32 -22.89 -7.80
C LEU A 80 -27.70 -22.23 -6.57
N ASP A 81 -28.48 -21.40 -5.90
CA ASP A 81 -28.00 -20.70 -4.71
C ASP A 81 -29.13 -20.70 -3.71
N THR A 82 -29.05 -21.61 -2.73
CA THR A 82 -30.09 -21.71 -1.72
C THR A 82 -29.70 -21.13 -0.36
N SER A 83 -28.79 -20.15 -0.36
CA SER A 83 -28.38 -19.53 0.89
C SER A 83 -29.41 -18.49 1.36
N HIS A 84 -29.12 -17.86 2.50
CA HIS A 84 -29.99 -16.84 3.07
C HIS A 84 -31.44 -17.27 2.99
N GLY A 85 -31.65 -18.57 3.15
CA GLY A 85 -32.98 -19.15 3.14
C GLY A 85 -33.87 -18.75 1.99
N MET A 86 -33.30 -18.64 0.80
CA MET A 86 -34.10 -18.29 -0.37
C MET A 86 -33.76 -19.23 -1.50
N ILE A 87 -34.28 -18.92 -2.67
CA ILE A 87 -33.99 -19.73 -3.83
C ILE A 87 -33.68 -18.81 -5.00
N ARG A 88 -32.39 -18.71 -5.33
CA ARG A 88 -31.93 -17.86 -6.40
C ARG A 88 -30.90 -18.63 -7.21
N THR A 89 -30.40 -18.01 -8.27
CA THR A 89 -29.40 -18.60 -9.15
C THR A 89 -28.18 -17.70 -9.17
N GLU A 90 -27.07 -18.23 -8.68
CA GLU A 90 -25.82 -17.47 -8.66
C GLU A 90 -25.23 -17.47 -10.07
N VAL A 91 -24.42 -16.45 -10.34
CA VAL A 91 -23.76 -16.27 -11.62
C VAL A 91 -22.28 -16.26 -11.27
N ARG A 92 -21.51 -17.21 -11.81
CA ARG A 92 -20.08 -17.25 -11.53
C ARG A 92 -19.21 -17.27 -12.78
N SER A 93 -17.98 -16.75 -12.62
CA SER A 93 -17.00 -16.74 -13.71
C SER A 93 -16.43 -18.15 -13.80
N ARG A 94 -16.21 -18.62 -15.03
CA ARG A 94 -15.68 -19.96 -15.23
C ARG A 94 -14.23 -20.03 -14.78
N THR A 95 -13.34 -19.50 -15.60
CA THR A 95 -11.91 -19.54 -15.33
C THR A 95 -11.49 -19.09 -13.93
N ALA A 96 -11.86 -17.88 -13.54
CA ALA A 96 -11.47 -17.35 -12.24
C ALA A 96 -12.26 -17.84 -11.00
N ASP A 97 -13.51 -18.26 -11.23
CA ASP A 97 -14.43 -18.72 -10.18
C ASP A 97 -14.58 -17.70 -9.07
N SER A 98 -15.12 -16.54 -9.43
CA SER A 98 -15.35 -15.46 -8.49
C SER A 98 -16.86 -15.21 -8.51
N HIS A 99 -17.45 -14.88 -7.36
CA HIS A 99 -18.87 -14.60 -7.29
C HIS A 99 -19.11 -13.38 -8.16
N LEU A 100 -20.10 -13.45 -9.06
CA LEU A 100 -20.41 -12.29 -9.88
C LEU A 100 -21.69 -11.64 -9.40
N GLY A 101 -22.70 -12.47 -9.14
CA GLY A 101 -23.98 -11.98 -8.68
C GLY A 101 -25.11 -12.97 -8.92
N HIS A 102 -26.25 -12.50 -9.45
CA HIS A 102 -27.40 -13.36 -9.70
C HIS A 102 -28.18 -13.06 -10.98
N VAL A 103 -28.99 -14.03 -11.40
CA VAL A 103 -29.86 -13.89 -12.58
C VAL A 103 -31.32 -13.94 -12.17
N PHE A 104 -32.17 -13.26 -12.92
CA PHE A 104 -33.58 -13.24 -12.61
C PHE A 104 -34.34 -13.31 -13.92
N ASN A 105 -35.50 -13.94 -13.90
CA ASN A 105 -36.30 -14.06 -15.12
C ASN A 105 -37.26 -12.90 -15.32
N ASP A 106 -36.79 -11.70 -15.01
CA ASP A 106 -37.57 -10.48 -15.15
C ASP A 106 -36.84 -9.57 -16.16
N GLY A 107 -36.12 -10.19 -17.08
CA GLY A 107 -35.36 -9.43 -18.06
C GLY A 107 -36.16 -8.91 -19.25
N PRO A 108 -35.73 -7.79 -19.84
CA PRO A 108 -36.39 -7.16 -20.99
C PRO A 108 -36.10 -7.85 -22.31
N GLY A 109 -35.04 -8.64 -22.34
CA GLY A 109 -34.67 -9.32 -23.58
C GLY A 109 -35.70 -10.26 -24.16
N PRO A 110 -35.38 -10.89 -25.31
CA PRO A 110 -36.28 -11.83 -25.96
C PRO A 110 -36.47 -13.06 -25.08
N ASN A 111 -35.52 -13.25 -24.15
CA ASN A 111 -35.57 -14.40 -23.25
C ASN A 111 -35.69 -13.99 -21.79
N GLY A 112 -36.10 -12.75 -21.60
CA GLY A 112 -36.32 -12.19 -20.28
C GLY A 112 -35.37 -12.41 -19.12
N LEU A 113 -34.07 -12.50 -19.38
CA LEU A 113 -33.14 -12.69 -18.29
C LEU A 113 -32.56 -11.36 -17.80
N ARG A 114 -32.18 -11.34 -16.54
CA ARG A 114 -31.60 -10.16 -15.93
C ARG A 114 -30.40 -10.54 -15.10
N TYR A 115 -29.21 -10.34 -15.67
CA TYR A 115 -27.98 -10.66 -14.97
C TYR A 115 -27.53 -9.43 -14.18
N CYS A 116 -27.64 -9.52 -12.85
CA CYS A 116 -27.28 -8.42 -11.95
C CYS A 116 -25.87 -8.63 -11.40
N ILE A 117 -24.90 -7.97 -12.04
CA ILE A 117 -23.50 -8.12 -11.66
C ILE A 117 -22.89 -6.97 -10.85
N ASN A 118 -22.09 -7.31 -9.83
CA ASN A 118 -21.44 -6.28 -9.02
C ASN A 118 -20.40 -5.64 -9.93
N SER A 119 -20.19 -4.34 -9.78
CA SER A 119 -19.21 -3.64 -10.58
C SER A 119 -17.85 -4.16 -10.15
N ALA A 120 -17.71 -4.38 -8.85
CA ALA A 120 -16.47 -4.85 -8.25
C ALA A 120 -15.83 -6.06 -8.93
N ALA A 121 -16.65 -6.96 -9.46
CA ALA A 121 -16.15 -8.15 -10.13
C ALA A 121 -15.70 -7.83 -11.56
N LEU A 122 -15.98 -6.61 -11.99
CA LEU A 122 -15.66 -6.17 -13.35
C LEU A 122 -14.59 -5.10 -13.52
N ARG A 123 -14.05 -5.01 -14.73
CA ARG A 123 -13.05 -4.01 -15.11
C ARG A 123 -13.38 -3.63 -16.53
N PHE A 124 -13.88 -2.42 -16.74
CA PHE A 124 -14.24 -2.01 -18.09
C PHE A 124 -13.07 -1.75 -19.02
N VAL A 125 -13.24 -2.15 -20.27
CA VAL A 125 -12.23 -1.95 -21.29
C VAL A 125 -12.92 -1.41 -22.53
N PRO A 126 -12.68 -0.13 -22.84
CA PRO A 126 -13.27 0.53 -24.00
C PRO A 126 -12.89 -0.13 -25.30
N LYS A 127 -13.77 0.00 -26.29
CA LYS A 127 -13.54 -0.58 -27.60
C LYS A 127 -12.23 -0.08 -28.22
N HIS A 128 -12.04 1.24 -28.25
CA HIS A 128 -10.83 1.81 -28.85
C HIS A 128 -9.53 1.35 -28.21
N LYS A 129 -9.62 0.43 -27.27
CA LYS A 129 -8.44 -0.10 -26.61
C LYS A 129 -8.35 -1.61 -26.75
N LEU A 130 -9.49 -2.23 -27.01
CA LEU A 130 -9.56 -3.67 -27.16
C LEU A 130 -8.42 -4.31 -27.95
N LYS A 131 -8.01 -3.67 -29.04
CA LYS A 131 -6.93 -4.21 -29.89
C LYS A 131 -5.50 -4.09 -29.33
N GLU A 132 -5.25 -3.08 -28.50
CA GLU A 132 -3.92 -2.92 -27.92
C GLU A 132 -3.86 -3.69 -26.59
N GLU A 133 -5.03 -3.93 -26.01
CA GLU A 133 -5.15 -4.62 -24.74
C GLU A 133 -4.99 -6.14 -24.86
N GLY A 134 -5.02 -6.63 -26.11
CA GLY A 134 -4.89 -8.05 -26.34
C GLY A 134 -6.23 -8.69 -26.60
N TYR A 135 -7.24 -7.84 -26.78
CA TYR A 135 -8.58 -8.31 -27.06
C TYR A 135 -8.94 -8.19 -28.53
N GLU A 136 -7.91 -8.07 -29.36
CA GLU A 136 -8.10 -7.98 -30.80
C GLU A 136 -9.18 -9.01 -31.12
N SER A 137 -9.09 -10.14 -30.43
CA SER A 137 -10.00 -11.25 -30.60
C SER A 137 -11.51 -10.96 -30.51
N TYR A 138 -11.89 -9.84 -29.89
CA TYR A 138 -13.32 -9.55 -29.75
C TYR A 138 -13.85 -8.30 -30.45
N LEU A 139 -12.97 -7.53 -31.09
CA LEU A 139 -13.39 -6.32 -31.78
C LEU A 139 -14.64 -6.51 -32.66
N HIS A 140 -14.74 -7.65 -33.34
CA HIS A 140 -15.87 -7.93 -34.22
C HIS A 140 -17.24 -7.72 -33.55
N LEU A 141 -17.31 -7.97 -32.25
CA LEU A 141 -18.56 -7.81 -31.54
C LEU A 141 -19.16 -6.42 -31.72
N PHE A 142 -18.30 -5.42 -31.91
CA PHE A 142 -18.77 -4.04 -32.07
C PHE A 142 -18.70 -3.60 -33.56
N MET B 1 -1.12 -19.22 -22.52
CA MET B 1 -1.49 -17.82 -22.11
C MET B 1 -2.53 -17.20 -23.01
N MET B 2 -3.24 -16.22 -22.47
CA MET B 2 -4.30 -15.53 -23.20
C MET B 2 -3.76 -14.21 -23.74
N ALA B 3 -3.96 -13.99 -25.03
CA ALA B 3 -3.50 -12.78 -25.71
C ALA B 3 -3.36 -11.55 -24.81
N TYR B 4 -4.46 -11.11 -24.22
CA TYR B 4 -4.46 -9.92 -23.37
C TYR B 4 -3.65 -10.04 -22.08
N ASN B 5 -3.71 -11.20 -21.43
CA ASN B 5 -2.95 -11.39 -20.19
C ASN B 5 -1.46 -11.30 -20.49
N LYS B 6 -1.02 -12.00 -21.54
CA LYS B 6 0.37 -11.98 -21.95
C LYS B 6 0.75 -10.55 -22.32
N GLU B 7 -0.07 -9.93 -23.15
CA GLU B 7 0.15 -8.57 -23.59
C GLU B 7 0.25 -7.62 -22.40
N GLU B 8 -0.51 -7.91 -21.36
CA GLU B 8 -0.50 -7.11 -20.15
C GLU B 8 0.89 -7.14 -19.50
N LYS B 9 1.34 -8.36 -19.21
CA LYS B 9 2.64 -8.59 -18.59
C LYS B 9 3.77 -8.03 -19.43
N ILE B 10 3.73 -8.27 -20.72
CA ILE B 10 4.76 -7.76 -21.61
C ILE B 10 4.87 -6.26 -21.45
N LYS B 11 3.72 -5.61 -21.33
CA LYS B 11 3.71 -4.17 -21.18
C LYS B 11 4.44 -3.71 -19.92
N SER B 12 4.63 -4.61 -18.96
CA SER B 12 5.32 -4.26 -17.72
C SER B 12 6.83 -4.28 -17.88
N LEU B 13 7.33 -5.33 -18.52
CA LEU B 13 8.76 -5.52 -18.73
C LEU B 13 9.47 -4.21 -19.11
N ASN B 14 10.59 -3.95 -18.44
CA ASN B 14 11.37 -2.75 -18.73
C ASN B 14 12.15 -3.02 -20.01
N ARG B 15 12.88 -2.01 -20.48
CA ARG B 15 13.63 -2.15 -21.72
C ARG B 15 14.35 -3.48 -21.91
N MET B 16 15.34 -3.77 -21.07
CA MET B 16 16.13 -5.01 -21.20
C MET B 16 15.29 -6.27 -21.17
N GLN B 17 14.35 -6.35 -20.25
CA GLN B 17 13.48 -7.50 -20.17
C GLN B 17 12.72 -7.68 -21.48
N TYR B 18 12.17 -6.59 -21.98
CA TYR B 18 11.43 -6.65 -23.24
C TYR B 18 12.41 -7.03 -24.36
N GLU B 19 13.52 -6.31 -24.45
CA GLU B 19 14.51 -6.56 -25.48
C GLU B 19 14.92 -8.01 -25.63
N VAL B 20 15.15 -8.71 -24.53
CA VAL B 20 15.59 -10.10 -24.64
C VAL B 20 14.45 -11.08 -24.81
N THR B 21 13.43 -11.01 -23.98
CA THR B 21 12.33 -11.97 -24.09
C THR B 21 11.55 -11.85 -25.39
N GLN B 22 11.27 -10.62 -25.83
CA GLN B 22 10.50 -10.40 -27.05
C GLN B 22 11.35 -10.24 -28.29
N ASN B 23 12.53 -9.64 -28.15
CA ASN B 23 13.42 -9.46 -29.31
C ASN B 23 14.61 -10.43 -29.36
N ASN B 24 14.64 -11.40 -28.43
CA ASN B 24 15.70 -12.40 -28.38
C ASN B 24 17.08 -11.83 -28.08
N GLY B 25 17.11 -10.73 -27.34
CA GLY B 25 18.39 -10.12 -27.01
C GLY B 25 19.09 -10.81 -25.86
N THR B 26 20.28 -10.31 -25.55
CA THR B 26 21.05 -10.85 -24.45
C THR B 26 21.45 -9.69 -23.53
N GLU B 27 21.54 -9.97 -22.24
CA GLU B 27 21.91 -8.93 -21.31
C GLU B 27 23.41 -8.97 -21.07
N PRO B 28 24.01 -7.81 -20.83
CA PRO B 28 25.46 -7.77 -20.59
C PRO B 28 25.82 -8.73 -19.45
N PRO B 29 26.99 -9.39 -19.53
CA PRO B 29 27.40 -10.32 -18.47
C PRO B 29 28.01 -9.65 -17.24
N PHE B 30 27.73 -10.21 -16.06
CA PHE B 30 28.21 -9.67 -14.79
C PHE B 30 27.46 -8.41 -14.43
N GLN B 31 26.48 -8.07 -15.26
CA GLN B 31 25.66 -6.89 -15.02
C GLN B 31 24.20 -7.21 -15.20
N ASN B 32 23.75 -8.17 -14.40
CA ASN B 32 22.38 -8.63 -14.39
C ASN B 32 22.13 -9.09 -12.96
N GLU B 33 20.86 -9.20 -12.60
CA GLU B 33 20.48 -9.55 -11.24
C GLU B 33 20.74 -10.95 -10.69
N TYR B 34 20.75 -11.99 -11.52
CA TYR B 34 20.92 -13.32 -10.94
C TYR B 34 22.17 -14.16 -11.25
N TRP B 35 23.13 -13.63 -12.00
CA TRP B 35 24.29 -14.46 -12.29
C TRP B 35 24.94 -14.97 -11.01
N ASP B 36 25.18 -14.06 -10.07
CA ASP B 36 25.81 -14.44 -8.81
C ASP B 36 24.79 -14.69 -7.67
N HIS B 37 23.52 -14.55 -8.00
CA HIS B 37 22.44 -14.77 -7.05
C HIS B 37 22.52 -16.23 -6.62
N LYS B 38 22.29 -16.50 -5.34
CA LYS B 38 22.36 -17.86 -4.82
C LYS B 38 21.35 -18.17 -3.71
N GLU B 39 20.37 -17.29 -3.56
CA GLU B 39 19.33 -17.45 -2.54
C GLU B 39 18.45 -18.63 -2.92
N GLU B 40 18.12 -19.47 -1.95
CA GLU B 40 17.29 -20.65 -2.21
C GLU B 40 15.87 -20.28 -2.64
N GLY B 41 15.51 -20.64 -3.87
CA GLY B 41 14.18 -20.35 -4.38
C GLY B 41 13.88 -20.84 -5.79
N LEU B 42 12.85 -20.26 -6.39
CA LEU B 42 12.44 -20.61 -7.74
C LEU B 42 12.70 -19.50 -8.74
N TYR B 43 13.12 -19.86 -9.95
CA TYR B 43 13.33 -18.87 -10.98
C TYR B 43 12.13 -19.00 -11.90
N VAL B 44 11.25 -18.03 -11.76
CA VAL B 44 9.99 -17.95 -12.49
C VAL B 44 10.03 -17.16 -13.80
N ASP B 45 9.22 -17.59 -14.77
CA ASP B 45 9.15 -16.89 -16.06
C ASP B 45 8.57 -15.51 -15.77
N ILE B 46 9.30 -14.47 -16.14
CA ILE B 46 8.83 -13.13 -15.87
C ILE B 46 7.54 -12.71 -16.58
N VAL B 47 7.14 -13.46 -17.59
CA VAL B 47 5.91 -13.12 -18.29
C VAL B 47 4.73 -14.01 -17.85
N SER B 48 4.95 -15.31 -17.84
CA SER B 48 3.90 -16.26 -17.47
C SER B 48 3.92 -16.67 -16.01
N GLY B 49 4.99 -16.33 -15.31
CA GLY B 49 5.06 -16.70 -13.91
C GLY B 49 5.26 -18.19 -13.69
N LYS B 50 5.27 -18.97 -14.76
CA LYS B 50 5.47 -20.40 -14.60
C LYS B 50 6.93 -20.61 -14.21
N PRO B 51 7.17 -21.51 -13.25
CA PRO B 51 8.52 -21.81 -12.78
C PRO B 51 9.42 -22.36 -13.89
N LEU B 52 10.65 -21.85 -13.99
CA LEU B 52 11.57 -22.33 -15.01
C LEU B 52 12.78 -23.11 -14.49
N PHE B 53 13.42 -22.59 -13.45
CA PHE B 53 14.58 -23.25 -12.86
C PHE B 53 14.50 -23.10 -11.36
N THR B 54 15.21 -23.97 -10.64
CA THR B 54 15.26 -23.90 -9.19
C THR B 54 16.67 -23.53 -8.81
N SER B 55 16.80 -22.94 -7.63
CA SER B 55 18.09 -22.52 -7.11
C SER B 55 18.96 -23.73 -6.90
N LYS B 56 18.29 -24.86 -6.70
CA LYS B 56 18.94 -26.14 -6.45
C LYS B 56 19.77 -26.65 -7.64
N ASP B 57 19.44 -26.20 -8.85
CA ASP B 57 20.18 -26.63 -10.02
C ASP B 57 21.08 -25.55 -10.61
N LYS B 58 21.15 -24.40 -9.93
CA LYS B 58 22.00 -23.30 -10.39
C LYS B 58 23.44 -23.60 -9.96
N PHE B 59 24.42 -23.18 -10.76
CA PHE B 59 25.81 -23.40 -10.40
C PHE B 59 26.66 -22.19 -10.75
N ASP B 60 27.72 -21.98 -9.99
CA ASP B 60 28.61 -20.85 -10.25
C ASP B 60 29.32 -21.04 -11.58
N SER B 61 29.16 -20.08 -12.49
CA SER B 61 29.81 -20.13 -13.78
C SER B 61 30.63 -18.86 -13.90
N GLN B 62 31.55 -18.83 -14.84
CA GLN B 62 32.35 -17.64 -14.99
C GLN B 62 31.95 -16.92 -16.28
N CYS B 63 30.82 -17.34 -16.85
CA CYS B 63 30.32 -16.77 -18.09
C CYS B 63 29.59 -15.43 -17.91
N GLY B 64 29.05 -15.19 -16.72
CA GLY B 64 28.37 -13.92 -16.44
C GLY B 64 26.86 -13.92 -16.45
N TRP B 65 26.24 -15.08 -16.66
CA TRP B 65 24.78 -15.18 -16.67
C TRP B 65 24.36 -16.36 -15.82
N PRO B 66 23.16 -16.29 -15.22
CA PRO B 66 22.74 -17.43 -14.40
C PRO B 66 22.77 -18.73 -15.20
N SER B 67 23.46 -19.72 -14.65
CA SER B 67 23.58 -21.02 -15.30
C SER B 67 22.96 -22.13 -14.48
N PHE B 68 22.14 -22.94 -15.15
CA PHE B 68 21.48 -24.05 -14.48
C PHE B 68 21.82 -25.34 -15.23
N THR B 69 21.88 -26.44 -14.50
CA THR B 69 22.20 -27.72 -15.10
C THR B 69 21.00 -28.30 -15.83
N LYS B 70 19.80 -27.92 -15.41
CA LYS B 70 18.56 -28.43 -16.01
C LYS B 70 17.38 -27.52 -15.74
N PRO B 71 16.30 -27.67 -16.52
CA PRO B 71 15.12 -26.85 -16.32
C PRO B 71 14.09 -27.61 -15.51
N ILE B 72 13.01 -26.93 -15.11
CA ILE B 72 11.95 -27.58 -14.37
C ILE B 72 10.90 -28.04 -15.38
N GLU B 73 10.38 -29.25 -15.21
CA GLU B 73 9.34 -29.77 -16.09
C GLU B 73 9.50 -29.48 -17.58
N GLU B 74 8.38 -29.49 -18.31
CA GLU B 74 8.39 -29.24 -19.73
C GLU B 74 8.14 -27.77 -20.08
N GLU B 75 8.44 -26.87 -19.15
CA GLU B 75 8.22 -25.45 -19.41
C GLU B 75 9.32 -24.80 -20.23
N VAL B 76 10.53 -25.34 -20.15
CA VAL B 76 11.66 -24.81 -20.91
C VAL B 76 11.81 -25.65 -22.18
N GLU B 77 12.05 -25.03 -23.33
CA GLU B 77 12.18 -25.79 -24.56
C GLU B 77 13.45 -25.50 -25.34
N GLU B 78 14.03 -26.53 -25.93
CA GLU B 78 15.24 -26.35 -26.72
C GLU B 78 14.82 -26.17 -28.17
N LYS B 79 15.59 -25.36 -28.89
CA LYS B 79 15.29 -25.07 -30.28
C LYS B 79 16.53 -24.68 -31.06
N LEU B 80 16.70 -25.30 -32.23
CA LEU B 80 17.83 -25.04 -33.11
C LEU B 80 17.87 -23.55 -33.39
N ASP B 81 19.08 -22.96 -33.33
CA ASP B 81 19.29 -21.53 -33.57
C ASP B 81 20.43 -21.28 -34.55
N THR B 82 20.10 -21.20 -35.84
CA THR B 82 21.12 -20.98 -36.87
C THR B 82 21.37 -19.50 -37.19
N SER B 83 20.94 -18.62 -36.30
CA SER B 83 21.12 -17.18 -36.52
C SER B 83 22.57 -16.78 -36.34
N HIS B 84 22.85 -15.51 -36.64
CA HIS B 84 24.20 -14.95 -36.52
C HIS B 84 25.27 -15.78 -37.16
N GLY B 85 24.91 -16.56 -38.17
CA GLY B 85 25.90 -17.36 -38.87
C GLY B 85 26.45 -18.58 -38.17
N MET B 86 25.92 -18.95 -37.02
CA MET B 86 26.43 -20.13 -36.33
C MET B 86 25.36 -21.17 -36.02
N ILE B 87 25.73 -22.17 -35.24
CA ILE B 87 24.81 -23.24 -34.86
C ILE B 87 24.81 -23.47 -33.35
N ARG B 88 23.76 -22.99 -32.68
CA ARG B 88 23.65 -23.14 -31.23
C ARG B 88 22.24 -23.60 -30.90
N THR B 89 22.01 -24.01 -29.66
CA THR B 89 20.69 -24.45 -29.24
C THR B 89 20.08 -23.38 -28.34
N GLU B 90 18.98 -22.79 -28.81
CA GLU B 90 18.29 -21.77 -28.06
C GLU B 90 17.31 -22.43 -27.10
N VAL B 91 16.98 -21.72 -26.02
CA VAL B 91 16.02 -22.23 -25.06
C VAL B 91 14.95 -21.17 -24.89
N ARG B 92 13.70 -21.59 -24.93
CA ARG B 92 12.58 -20.67 -24.79
C ARG B 92 11.56 -21.27 -23.83
N SER B 93 10.72 -20.43 -23.23
CA SER B 93 9.69 -20.94 -22.34
C SER B 93 8.52 -21.30 -23.26
N ARG B 94 7.89 -22.44 -22.99
CA ARG B 94 6.79 -22.89 -23.81
C ARG B 94 5.56 -21.99 -23.68
N THR B 95 5.07 -21.85 -22.46
CA THR B 95 3.88 -21.04 -22.23
C THR B 95 3.97 -19.62 -22.77
N ALA B 96 4.94 -18.85 -22.28
CA ALA B 96 5.08 -17.46 -22.72
C ALA B 96 5.79 -17.28 -24.05
N ASP B 97 6.43 -18.34 -24.54
CA ASP B 97 7.16 -18.26 -25.79
C ASP B 97 8.20 -17.14 -25.60
N SER B 98 8.77 -17.09 -24.41
CA SER B 98 9.77 -16.09 -24.10
C SER B 98 11.18 -16.65 -24.37
N HIS B 99 12.01 -15.85 -25.02
CA HIS B 99 13.38 -16.26 -25.32
C HIS B 99 14.17 -16.19 -24.04
N LEU B 100 14.71 -17.33 -23.60
CA LEU B 100 15.48 -17.41 -22.37
C LEU B 100 17.00 -17.29 -22.53
N GLY B 101 17.56 -18.04 -23.47
CA GLY B 101 19.00 -18.02 -23.71
C GLY B 101 19.45 -19.25 -24.49
N HIS B 102 20.58 -19.83 -24.13
CA HIS B 102 21.05 -21.02 -24.82
C HIS B 102 21.57 -22.10 -23.87
N VAL B 103 21.65 -23.32 -24.40
CA VAL B 103 22.15 -24.47 -23.66
C VAL B 103 23.46 -24.88 -24.29
N PHE B 104 24.44 -25.24 -23.47
CA PHE B 104 25.71 -25.70 -24.01
C PHE B 104 26.06 -27.03 -23.38
N ASN B 105 26.81 -27.85 -24.12
CA ASN B 105 27.18 -29.14 -23.59
C ASN B 105 28.49 -29.11 -22.81
N ASP B 106 28.75 -28.01 -22.13
CA ASP B 106 29.96 -27.87 -21.32
C ASP B 106 29.60 -27.72 -19.85
N GLY B 107 28.38 -28.16 -19.52
CA GLY B 107 27.89 -28.09 -18.17
C GLY B 107 28.59 -29.10 -17.29
N PRO B 108 28.62 -28.89 -15.96
CA PRO B 108 29.27 -29.76 -14.97
C PRO B 108 28.62 -31.12 -14.66
N GLY B 109 28.29 -31.89 -15.69
CA GLY B 109 27.68 -33.19 -15.49
C GLY B 109 26.49 -33.16 -14.55
N PRO B 110 25.74 -34.25 -14.40
CA PRO B 110 25.91 -35.56 -15.06
C PRO B 110 25.58 -35.52 -16.55
N ASN B 111 24.62 -34.67 -16.92
CA ASN B 111 24.21 -34.55 -18.31
C ASN B 111 25.09 -33.60 -19.10
N GLY B 112 26.08 -33.01 -18.42
CA GLY B 112 26.98 -32.11 -19.09
C GLY B 112 26.39 -30.89 -19.77
N LEU B 113 25.12 -30.60 -19.49
CA LEU B 113 24.48 -29.43 -20.08
C LEU B 113 24.66 -28.19 -19.22
N ARG B 114 24.62 -27.03 -19.89
CA ARG B 114 24.72 -25.76 -19.22
C ARG B 114 23.67 -24.83 -19.77
N TYR B 115 22.57 -24.67 -19.03
CA TYR B 115 21.53 -23.76 -19.45
C TYR B 115 21.95 -22.35 -19.02
N CYS B 116 22.32 -21.54 -20.00
CA CYS B 116 22.74 -20.16 -19.77
C CYS B 116 21.55 -19.23 -20.03
N ILE B 117 20.93 -18.76 -18.96
CA ILE B 117 19.72 -17.95 -19.07
C ILE B 117 19.92 -16.50 -18.62
N ASN B 118 19.21 -15.58 -19.26
CA ASN B 118 19.28 -14.16 -18.91
C ASN B 118 18.40 -13.90 -17.69
N SER B 119 18.91 -13.10 -16.76
CA SER B 119 18.12 -12.75 -15.58
C SER B 119 16.85 -12.03 -16.07
N ALA B 120 17.00 -11.24 -17.14
CA ALA B 120 15.87 -10.48 -17.70
C ALA B 120 14.62 -11.28 -17.99
N ALA B 121 14.76 -12.60 -18.12
CA ALA B 121 13.59 -13.42 -18.42
C ALA B 121 13.11 -14.14 -17.18
N LEU B 122 13.74 -13.88 -16.05
CA LEU B 122 13.37 -14.56 -14.82
C LEU B 122 12.93 -13.63 -13.71
N ARG B 123 12.20 -14.19 -12.76
CA ARG B 123 11.74 -13.48 -11.58
C ARG B 123 11.91 -14.44 -10.42
N PHE B 124 12.85 -14.14 -9.54
CA PHE B 124 13.11 -14.99 -8.39
C PHE B 124 12.04 -14.90 -7.33
N VAL B 125 11.67 -16.05 -6.80
CA VAL B 125 10.66 -16.17 -5.75
C VAL B 125 11.31 -16.96 -4.61
N PRO B 126 11.50 -16.32 -3.45
CA PRO B 126 12.12 -16.98 -2.30
C PRO B 126 11.31 -18.17 -1.81
N LYS B 127 12.00 -19.18 -1.32
CA LYS B 127 11.34 -20.37 -0.79
C LYS B 127 10.32 -19.99 0.30
N HIS B 128 10.70 -19.04 1.15
CA HIS B 128 9.84 -18.58 2.25
C HIS B 128 8.65 -17.73 1.80
N LYS B 129 8.41 -17.67 0.49
CA LYS B 129 7.31 -16.91 -0.05
C LYS B 129 6.47 -17.79 -0.95
N LEU B 130 7.03 -18.94 -1.32
CA LEU B 130 6.38 -19.87 -2.22
C LEU B 130 4.90 -20.18 -1.95
N LYS B 131 4.60 -20.68 -0.77
CA LYS B 131 3.21 -21.01 -0.43
C LYS B 131 2.34 -19.77 -0.53
N GLU B 132 2.79 -18.70 0.12
CA GLU B 132 2.08 -17.44 0.12
C GLU B 132 1.65 -16.97 -1.27
N GLU B 133 2.53 -17.12 -2.24
CA GLU B 133 2.24 -16.66 -3.60
C GLU B 133 1.64 -17.70 -4.52
N GLY B 134 1.26 -18.84 -3.96
CA GLY B 134 0.64 -19.88 -4.77
C GLY B 134 1.58 -20.79 -5.54
N TYR B 135 2.69 -21.17 -4.93
CA TYR B 135 3.63 -22.09 -5.56
C TYR B 135 3.83 -23.34 -4.70
N GLU B 136 2.85 -23.60 -3.85
CA GLU B 136 2.86 -24.75 -2.94
C GLU B 136 3.28 -26.02 -3.67
N SER B 137 2.70 -26.22 -4.84
CA SER B 137 2.95 -27.38 -5.70
C SER B 137 4.42 -27.63 -6.04
N TYR B 138 5.26 -26.66 -5.68
CA TYR B 138 6.69 -26.76 -5.95
C TYR B 138 7.48 -26.74 -4.65
N LEU B 139 6.82 -26.34 -3.57
CA LEU B 139 7.45 -26.27 -2.26
C LEU B 139 8.14 -27.58 -1.89
N HIS B 140 7.67 -28.68 -2.49
CA HIS B 140 8.21 -30.00 -2.23
C HIS B 140 9.65 -30.16 -2.71
N LEU B 141 10.05 -29.36 -3.68
CA LEU B 141 11.40 -29.42 -4.22
C LEU B 141 12.46 -29.00 -3.19
N PHE B 142 12.02 -28.46 -2.05
CA PHE B 142 12.94 -28.02 -1.01
C PHE B 142 12.74 -28.74 0.32
N TYR C 4 20.50 -3.52 16.55
CA TYR C 4 20.80 -2.26 15.80
C TYR C 4 22.18 -2.29 15.17
N ASN C 5 22.22 -1.97 13.89
CA ASN C 5 23.46 -1.92 13.12
C ASN C 5 23.32 -0.75 12.16
N LYS C 6 24.14 0.28 12.35
CA LYS C 6 24.07 1.46 11.49
C LYS C 6 24.06 1.09 10.01
N GLU C 7 24.97 0.21 9.61
CA GLU C 7 25.05 -0.22 8.24
C GLU C 7 23.74 -0.78 7.67
N GLU C 8 23.11 -1.70 8.39
CA GLU C 8 21.86 -2.29 7.92
C GLU C 8 20.67 -1.34 7.97
N LYS C 9 20.60 -0.53 9.04
CA LYS C 9 19.49 0.41 9.19
C LYS C 9 19.50 1.46 8.08
N ILE C 10 20.68 1.98 7.77
CA ILE C 10 20.81 2.95 6.70
C ILE C 10 20.32 2.28 5.42
N LYS C 11 20.68 1.01 5.28
CA LYS C 11 20.32 0.22 4.11
C LYS C 11 18.82 -0.07 4.07
N SER C 12 18.11 0.33 5.12
CA SER C 12 16.67 0.11 5.19
C SER C 12 15.89 1.41 5.18
N LEU C 13 16.57 2.50 4.83
CA LEU C 13 15.92 3.81 4.78
C LEU C 13 15.24 4.04 3.42
N ASN C 14 14.25 4.93 3.42
CA ASN C 14 13.52 5.27 2.21
C ASN C 14 14.44 6.07 1.29
N ARG C 15 14.15 6.08 -0.01
CA ARG C 15 15.01 6.81 -0.94
C ARG C 15 15.30 8.25 -0.52
N MET C 16 14.28 8.97 -0.06
CA MET C 16 14.47 10.36 0.37
C MET C 16 15.17 10.43 1.72
N GLN C 17 14.92 9.42 2.56
CA GLN C 17 15.54 9.38 3.88
C GLN C 17 17.01 9.06 3.70
N TYR C 18 17.33 8.32 2.66
CA TYR C 18 18.70 7.96 2.36
C TYR C 18 19.36 9.15 1.67
N GLU C 19 18.70 9.64 0.63
CA GLU C 19 19.17 10.79 -0.14
C GLU C 19 19.56 11.95 0.77
N VAL C 20 18.68 12.27 1.74
CA VAL C 20 18.95 13.34 2.68
C VAL C 20 20.09 13.00 3.64
N THR C 21 19.88 11.98 4.45
CA THR C 21 20.87 11.57 5.44
C THR C 21 22.22 11.12 4.90
N GLN C 22 22.22 10.37 3.81
CA GLN C 22 23.45 9.85 3.22
C GLN C 22 24.04 10.64 2.04
N ASN C 23 23.20 11.12 1.13
CA ASN C 23 23.68 11.88 -0.02
C ASN C 23 23.65 13.39 0.19
N ASN C 24 23.29 13.83 1.39
CA ASN C 24 23.24 15.26 1.73
C ASN C 24 22.26 16.01 0.83
N GLY C 25 21.09 15.42 0.65
CA GLY C 25 20.05 16.03 -0.18
C GLY C 25 19.12 16.94 0.58
N THR C 26 18.14 17.48 -0.12
CA THR C 26 17.16 18.39 0.47
C THR C 26 15.76 18.03 0.00
N GLU C 27 14.91 17.60 0.93
CA GLU C 27 13.55 17.23 0.59
C GLU C 27 12.76 18.49 0.20
N PRO C 28 11.68 18.34 -0.59
CA PRO C 28 10.91 19.53 -0.97
C PRO C 28 10.21 20.23 0.20
N PRO C 29 9.89 21.51 0.01
CA PRO C 29 9.21 22.37 1.00
C PRO C 29 7.73 22.04 1.09
N PHE C 30 7.19 22.15 2.31
CA PHE C 30 5.78 21.91 2.54
C PHE C 30 5.32 20.48 2.25
N GLN C 31 6.16 19.70 1.59
CA GLN C 31 5.81 18.32 1.30
C GLN C 31 6.57 17.38 2.24
N ASN C 32 6.37 17.59 3.55
CA ASN C 32 6.98 16.81 4.63
C ASN C 32 6.00 16.47 5.73
N GLU C 33 6.48 15.71 6.71
CA GLU C 33 5.63 15.31 7.83
C GLU C 33 5.88 16.18 9.04
N TYR C 34 6.96 16.95 9.04
CA TYR C 34 7.25 17.78 10.20
C TYR C 34 7.44 19.26 9.95
N TRP C 35 7.22 19.70 8.72
CA TRP C 35 7.40 21.12 8.44
C TRP C 35 6.32 21.94 9.17
N ASP C 36 5.10 21.41 9.22
CA ASP C 36 4.01 22.10 9.90
C ASP C 36 3.72 21.49 11.26
N HIS C 37 4.40 20.38 11.56
CA HIS C 37 4.24 19.65 12.82
C HIS C 37 4.35 20.56 14.06
N LYS C 38 3.37 20.42 14.95
CA LYS C 38 3.35 21.24 16.15
C LYS C 38 2.97 20.44 17.39
N GLU C 39 3.14 19.12 17.31
CA GLU C 39 2.81 18.26 18.43
C GLU C 39 3.97 18.31 19.41
N GLU C 40 3.73 17.87 20.65
CA GLU C 40 4.77 17.90 21.66
C GLU C 40 5.53 16.57 21.80
N GLY C 41 6.85 16.67 21.94
CA GLY C 41 7.69 15.49 22.07
C GLY C 41 9.08 15.66 21.45
N LEU C 42 9.86 14.57 21.45
CA LEU C 42 11.22 14.58 20.88
C LEU C 42 11.29 14.19 19.41
N TYR C 43 12.36 14.65 18.74
CA TYR C 43 12.63 14.34 17.33
C TYR C 43 13.98 13.62 17.29
N VAL C 44 13.95 12.29 17.24
CA VAL C 44 15.17 11.49 17.23
C VAL C 44 15.81 11.35 15.87
N ASP C 45 17.01 10.77 15.87
CA ASP C 45 17.76 10.53 14.64
C ASP C 45 17.10 9.30 14.04
N ILE C 46 16.65 9.44 12.79
CA ILE C 46 15.98 8.35 12.09
C ILE C 46 16.89 7.11 12.06
N VAL C 47 18.21 7.34 12.11
CA VAL C 47 19.20 6.27 12.07
C VAL C 47 19.64 5.79 13.48
N SER C 48 20.24 6.69 14.26
CA SER C 48 20.72 6.35 15.61
C SER C 48 19.64 6.26 16.68
N GLY C 49 18.52 6.93 16.48
CA GLY C 49 17.47 6.88 17.48
C GLY C 49 17.75 7.86 18.60
N LYS C 50 18.90 8.52 18.50
CA LYS C 50 19.32 9.52 19.48
C LYS C 50 18.45 10.76 19.28
N PRO C 51 18.03 11.42 20.38
CA PRO C 51 17.19 12.61 20.17
C PRO C 51 18.03 13.75 19.56
N LEU C 52 17.41 14.57 18.73
CA LEU C 52 18.13 15.68 18.09
C LEU C 52 17.56 17.05 18.40
N PHE C 53 16.23 17.13 18.44
CA PHE C 53 15.55 18.40 18.72
C PHE C 53 14.30 18.14 19.55
N THR C 54 13.83 19.19 20.20
CA THR C 54 12.64 19.11 21.05
C THR C 54 11.55 20.04 20.50
N SER C 55 10.30 19.73 20.82
CA SER C 55 9.17 20.55 20.38
C SER C 55 9.22 21.91 21.08
N LYS C 56 9.97 21.96 22.18
CA LYS C 56 10.15 23.17 22.96
C LYS C 56 10.84 24.25 22.16
N ASP C 57 11.85 23.88 21.40
CA ASP C 57 12.62 24.81 20.59
C ASP C 57 12.08 25.03 19.18
N LYS C 58 11.26 24.08 18.72
CA LYS C 58 10.68 24.19 17.38
C LYS C 58 9.81 25.44 17.28
N PHE C 59 9.91 26.15 16.16
CA PHE C 59 9.11 27.36 15.97
C PHE C 59 8.46 27.42 14.60
N ASP C 60 7.30 28.05 14.55
CA ASP C 60 6.52 28.18 13.32
C ASP C 60 7.18 29.05 12.25
N SER C 61 8.07 28.46 11.46
CA SER C 61 8.74 29.17 10.38
C SER C 61 7.93 28.92 9.12
N GLN C 62 8.16 29.71 8.09
CA GLN C 62 7.42 29.52 6.85
C GLN C 62 8.31 29.33 5.64
N CYS C 63 9.38 28.57 5.84
CA CYS C 63 10.34 28.25 4.78
C CYS C 63 10.04 26.88 4.16
N GLY C 64 9.34 26.03 4.89
CA GLY C 64 8.97 24.72 4.34
C GLY C 64 9.59 23.50 4.99
N TRP C 65 10.39 23.70 6.04
CA TRP C 65 11.03 22.61 6.75
C TRP C 65 10.97 22.87 8.27
N PRO C 66 10.97 21.80 9.08
CA PRO C 66 10.93 21.95 10.53
C PRO C 66 12.14 22.71 11.09
N SER C 67 11.95 23.98 11.46
CA SER C 67 13.01 24.82 11.99
C SER C 67 13.07 24.87 13.53
N PHE C 68 14.27 25.08 14.05
CA PHE C 68 14.49 25.15 15.50
C PHE C 68 15.44 26.28 15.88
N THR C 69 15.34 26.73 17.13
CA THR C 69 16.19 27.78 17.66
C THR C 69 17.38 27.19 18.42
N LYS C 70 17.23 25.95 18.87
CA LYS C 70 18.25 25.28 19.63
C LYS C 70 18.28 23.75 19.46
N PRO C 71 19.49 23.16 19.43
CA PRO C 71 19.61 21.71 19.28
C PRO C 71 19.68 21.05 20.66
N ILE C 72 19.79 19.72 20.70
CA ILE C 72 19.91 19.03 21.99
C ILE C 72 21.39 18.96 22.35
N GLU C 73 21.67 18.94 23.66
CA GLU C 73 23.04 18.90 24.16
C GLU C 73 23.99 18.12 23.26
N GLU C 74 24.49 18.82 22.26
CA GLU C 74 25.42 18.27 21.28
C GLU C 74 25.17 16.81 20.92
N GLU C 75 24.33 16.65 19.92
CA GLU C 75 23.93 15.37 19.36
C GLU C 75 23.91 15.73 17.87
N VAL C 76 23.92 17.05 17.66
CA VAL C 76 23.91 17.66 16.33
C VAL C 76 25.13 18.59 16.26
N GLU C 77 25.96 18.42 15.24
CA GLU C 77 27.16 19.23 15.13
C GLU C 77 27.11 20.22 13.96
N GLU C 78 27.91 21.28 14.06
CA GLU C 78 27.96 22.29 13.01
C GLU C 78 29.19 22.10 12.14
N LYS C 79 29.00 22.06 10.83
CA LYS C 79 30.12 21.87 9.93
C LYS C 79 30.16 22.97 8.86
N LEU C 80 31.36 23.41 8.52
CA LEU C 80 31.54 24.44 7.50
C LEU C 80 31.21 23.83 6.14
N ASP C 81 30.18 24.34 5.48
CA ASP C 81 29.78 23.81 4.17
C ASP C 81 29.91 24.84 3.07
N THR C 82 30.75 24.52 2.09
CA THR C 82 30.97 25.43 0.97
C THR C 82 30.61 24.74 -0.36
N SER C 83 29.53 23.97 -0.34
CA SER C 83 29.11 23.28 -1.55
C SER C 83 28.22 24.20 -2.40
N HIS C 84 28.09 23.84 -3.67
CA HIS C 84 27.28 24.59 -4.63
C HIS C 84 27.58 26.09 -4.72
N GLY C 85 28.85 26.45 -4.45
CA GLY C 85 29.28 27.83 -4.53
C GLY C 85 28.96 28.75 -3.37
N MET C 86 28.30 28.21 -2.34
CA MET C 86 27.94 29.03 -1.20
C MET C 86 28.80 28.73 0.02
N ILE C 87 28.66 29.56 1.05
CA ILE C 87 29.38 29.35 2.30
C ILE C 87 28.36 29.34 3.43
N ARG C 88 27.77 28.18 3.68
CA ARG C 88 26.77 28.00 4.72
C ARG C 88 27.29 27.07 5.83
N THR C 89 26.46 26.86 6.84
CA THR C 89 26.82 26.03 7.99
C THR C 89 25.96 24.78 8.07
N GLU C 90 26.55 23.65 7.67
CA GLU C 90 25.85 22.36 7.68
C GLU C 90 25.69 21.77 9.08
N VAL C 91 24.58 21.10 9.29
CA VAL C 91 24.28 20.48 10.57
C VAL C 91 24.04 18.99 10.37
N ARG C 92 24.76 18.19 11.14
CA ARG C 92 24.62 16.73 11.07
C ARG C 92 24.85 16.06 12.42
N SER C 93 24.33 14.84 12.54
CA SER C 93 24.43 14.03 13.75
C SER C 93 25.81 13.45 14.00
N ARG C 94 26.34 13.66 15.21
CA ARG C 94 27.67 13.17 15.54
C ARG C 94 27.75 11.65 15.62
N THR C 95 26.70 11.01 16.10
CA THR C 95 26.68 9.56 16.22
C THR C 95 26.33 8.84 14.92
N ALA C 96 25.09 9.02 14.46
CA ALA C 96 24.62 8.39 13.22
C ALA C 96 25.23 9.06 11.98
N ASP C 97 25.92 10.18 12.21
CA ASP C 97 26.56 10.96 11.15
C ASP C 97 25.62 11.24 9.98
N SER C 98 24.36 11.51 10.30
CA SER C 98 23.37 11.77 9.27
C SER C 98 23.30 13.26 8.94
N HIS C 99 23.12 13.58 7.67
CA HIS C 99 22.99 14.97 7.25
C HIS C 99 21.63 15.41 7.78
N LEU C 100 21.55 16.62 8.32
CA LEU C 100 20.28 17.09 8.84
C LEU C 100 19.80 18.34 8.10
N GLY C 101 20.68 19.33 7.97
CA GLY C 101 20.28 20.55 7.27
C GLY C 101 21.30 21.65 7.42
N HIS C 102 20.83 22.87 7.65
CA HIS C 102 21.73 24.00 7.83
C HIS C 102 21.28 24.90 8.98
N VAL C 103 22.21 25.69 9.51
CA VAL C 103 21.90 26.62 10.59
C VAL C 103 22.11 28.02 10.03
N PHE C 104 21.10 28.86 10.13
CA PHE C 104 21.22 30.21 9.62
C PHE C 104 21.06 31.18 10.76
N ASN C 105 21.61 32.38 10.60
CA ASN C 105 21.49 33.38 11.65
C ASN C 105 20.28 34.27 11.36
N ASP C 106 19.10 33.71 11.62
CA ASP C 106 17.83 34.43 11.40
C ASP C 106 16.63 33.74 12.06
N GLY C 107 16.80 33.34 13.32
CA GLY C 107 15.72 32.70 14.04
C GLY C 107 15.14 33.60 15.12
N PRO C 108 14.03 33.16 15.77
CA PRO C 108 13.34 33.91 16.83
C PRO C 108 14.23 34.50 17.95
N GLY C 109 15.42 33.95 18.16
CA GLY C 109 16.31 34.47 19.19
C GLY C 109 16.10 33.90 20.58
N PRO C 110 16.93 34.26 21.57
CA PRO C 110 18.09 35.17 21.47
C PRO C 110 19.23 34.64 20.60
N ASN C 111 19.19 33.34 20.34
CA ASN C 111 20.21 32.71 19.51
C ASN C 111 20.22 33.36 18.13
N GLY C 112 19.03 33.65 17.62
CA GLY C 112 18.93 34.25 16.30
C GLY C 112 19.40 33.24 15.28
N LEU C 113 19.22 31.96 15.61
CA LEU C 113 19.62 30.86 14.75
C LEU C 113 18.40 30.08 14.28
N ARG C 114 18.43 29.67 13.02
CA ARG C 114 17.34 28.89 12.45
C ARG C 114 17.85 27.55 11.98
N TYR C 115 17.93 26.59 12.89
CA TYR C 115 18.37 25.26 12.52
C TYR C 115 17.25 24.69 11.67
N CYS C 116 17.45 24.69 10.36
CA CYS C 116 16.47 24.15 9.41
C CYS C 116 16.83 22.69 9.14
N ILE C 117 15.94 21.77 9.54
CA ILE C 117 16.21 20.35 9.38
C ILE C 117 15.20 19.64 8.48
N ASN C 118 15.66 18.57 7.83
CA ASN C 118 14.82 17.75 6.95
C ASN C 118 13.98 16.79 7.79
N SER C 119 12.71 16.66 7.45
CA SER C 119 11.83 15.75 8.16
C SER C 119 12.33 14.34 7.90
N ALA C 120 12.70 14.09 6.65
CA ALA C 120 13.20 12.78 6.22
C ALA C 120 14.51 12.34 6.89
N ALA C 121 14.90 13.05 7.96
CA ALA C 121 16.12 12.74 8.70
C ALA C 121 15.80 12.60 10.17
N LEU C 122 14.52 12.79 10.49
CA LEU C 122 14.03 12.73 11.87
C LEU C 122 12.76 11.90 12.08
N ARG C 123 12.77 11.08 13.13
CA ARG C 123 11.59 10.33 13.49
C ARG C 123 11.06 11.05 14.73
N PHE C 124 9.75 11.31 14.78
CA PHE C 124 9.18 12.01 15.93
C PHE C 124 8.57 11.05 16.96
N VAL C 125 8.98 11.20 18.21
CA VAL C 125 8.47 10.36 19.28
C VAL C 125 7.56 11.17 20.21
N PRO C 126 6.24 10.90 20.15
CA PRO C 126 5.18 11.54 20.94
C PRO C 126 5.58 11.73 22.40
N LYS C 127 5.19 12.84 22.99
CA LYS C 127 5.55 13.14 24.37
C LYS C 127 4.98 12.15 25.40
N HIS C 128 3.91 11.45 25.05
CA HIS C 128 3.29 10.48 25.97
C HIS C 128 3.83 9.05 25.76
N LYS C 129 4.73 8.88 24.81
CA LYS C 129 5.32 7.57 24.51
C LYS C 129 6.83 7.55 24.72
N LEU C 130 7.36 8.52 25.47
CA LEU C 130 8.79 8.59 25.71
C LEU C 130 9.27 7.52 26.70
N LYS C 131 8.59 7.36 27.84
CA LYS C 131 9.00 6.35 28.81
C LYS C 131 8.81 4.96 28.21
N GLU C 132 7.85 4.86 27.30
CA GLU C 132 7.53 3.61 26.62
C GLU C 132 8.65 3.23 25.64
N GLU C 133 9.15 4.21 24.90
CA GLU C 133 10.20 3.99 23.91
C GLU C 133 11.61 4.07 24.50
N GLY C 134 11.70 4.32 25.80
CA GLY C 134 13.00 4.40 26.43
C GLY C 134 13.60 5.78 26.59
N TYR C 135 12.90 6.80 26.12
CA TYR C 135 13.40 8.15 26.24
C TYR C 135 12.89 8.80 27.53
N GLU C 136 13.07 8.09 28.65
CA GLU C 136 12.61 8.59 29.94
C GLU C 136 13.49 9.69 30.52
N SER C 137 14.80 9.58 30.26
CA SER C 137 15.76 10.57 30.74
C SER C 137 15.63 11.90 29.99
N TYR C 138 14.59 12.03 29.18
CA TYR C 138 14.36 13.26 28.41
C TYR C 138 13.03 13.91 28.77
N LEU C 139 12.14 13.16 29.40
CA LEU C 139 10.83 13.68 29.77
C LEU C 139 10.89 14.97 30.59
N HIS C 140 11.93 15.13 31.42
CA HIS C 140 12.08 16.31 32.24
C HIS C 140 12.01 17.60 31.43
N LEU C 141 12.35 17.50 30.15
CA LEU C 141 12.34 18.66 29.24
C LEU C 141 10.91 19.07 28.85
N PHE C 142 9.92 18.36 29.37
CA PHE C 142 8.53 18.68 29.05
C PHE C 142 7.74 18.93 30.34
N TYR D 4 -29.13 13.99 25.70
CA TYR D 4 -29.12 13.66 24.24
C TYR D 4 -28.66 14.86 23.41
N ASN D 5 -27.83 14.59 22.40
CA ASN D 5 -27.34 15.64 21.52
C ASN D 5 -27.18 15.11 20.11
N LYS D 6 -27.81 15.79 19.15
CA LYS D 6 -27.78 15.38 17.75
C LYS D 6 -26.36 15.23 17.17
N GLU D 7 -25.64 16.34 17.02
CA GLU D 7 -24.29 16.29 16.48
C GLU D 7 -23.40 15.25 17.15
N GLU D 8 -23.47 15.16 18.47
CA GLU D 8 -22.64 14.20 19.20
C GLU D 8 -23.17 12.77 19.10
N LYS D 9 -24.49 12.63 18.94
CA LYS D 9 -25.10 11.33 18.81
C LYS D 9 -24.66 10.74 17.48
N ILE D 10 -24.60 11.57 16.44
CA ILE D 10 -24.19 11.10 15.13
C ILE D 10 -22.67 11.01 14.99
N LYS D 11 -21.95 11.90 15.68
CA LYS D 11 -20.49 11.90 15.62
C LYS D 11 -19.94 10.55 16.09
N SER D 12 -20.78 9.76 16.76
CA SER D 12 -20.38 8.47 17.27
C SER D 12 -20.93 7.34 16.43
N LEU D 13 -21.47 7.69 15.26
CA LEU D 13 -22.04 6.71 14.34
C LEU D 13 -20.99 5.85 13.62
N ASN D 14 -21.46 4.74 13.06
CA ASN D 14 -20.62 3.79 12.32
C ASN D 14 -20.37 4.29 10.90
N ARG D 15 -19.40 3.71 10.22
CA ARG D 15 -19.11 4.11 8.85
C ARG D 15 -20.40 3.98 8.04
N MET D 16 -21.02 2.80 8.10
CA MET D 16 -22.25 2.58 7.35
C MET D 16 -23.34 3.43 7.93
N GLN D 17 -23.48 3.42 9.26
CA GLN D 17 -24.52 4.19 9.93
C GLN D 17 -24.50 5.65 9.47
N TYR D 18 -23.32 6.26 9.49
CA TYR D 18 -23.20 7.65 9.06
C TYR D 18 -23.54 7.78 7.57
N GLU D 19 -23.04 6.86 6.76
CA GLU D 19 -23.28 6.88 5.32
C GLU D 19 -24.78 6.84 5.01
N VAL D 20 -25.44 5.78 5.46
CA VAL D 20 -26.87 5.62 5.25
C VAL D 20 -27.56 6.83 5.85
N THR D 21 -27.47 6.94 7.17
CA THR D 21 -28.08 8.00 7.92
C THR D 21 -27.83 9.41 7.41
N GLN D 22 -26.56 9.79 7.26
CA GLN D 22 -26.17 11.12 6.82
C GLN D 22 -25.97 11.38 5.34
N ASN D 23 -25.37 10.44 4.61
CA ASN D 23 -25.13 10.64 3.18
C ASN D 23 -26.20 10.05 2.27
N ASN D 24 -27.31 9.61 2.86
CA ASN D 24 -28.40 9.04 2.09
C ASN D 24 -27.93 7.84 1.28
N GLY D 25 -26.84 7.24 1.73
CA GLY D 25 -26.31 6.07 1.07
C GLY D 25 -27.23 4.91 1.39
N THR D 26 -26.74 3.71 1.10
CA THR D 26 -27.51 2.50 1.32
C THR D 26 -26.58 1.29 1.45
N GLU D 27 -26.88 0.43 2.41
CA GLU D 27 -26.10 -0.76 2.71
C GLU D 27 -26.31 -1.90 1.71
N PRO D 28 -25.49 -2.96 1.82
CA PRO D 28 -25.58 -4.14 0.95
C PRO D 28 -26.78 -4.98 1.35
N PRO D 29 -27.44 -5.64 0.39
CA PRO D 29 -28.61 -6.49 0.65
C PRO D 29 -28.15 -7.78 1.26
N PHE D 30 -28.98 -8.35 2.13
CA PHE D 30 -28.68 -9.62 2.83
C PHE D 30 -27.48 -9.56 3.77
N GLN D 31 -26.73 -8.47 3.72
CA GLN D 31 -25.54 -8.32 4.54
C GLN D 31 -25.67 -7.23 5.59
N ASN D 32 -26.78 -7.23 6.30
CA ASN D 32 -27.01 -6.26 7.35
C ASN D 32 -27.77 -6.89 8.50
N GLU D 33 -27.70 -6.26 9.66
CA GLU D 33 -28.34 -6.79 10.86
C GLU D 33 -29.80 -7.29 10.87
N TYR D 34 -30.75 -6.52 10.33
CA TYR D 34 -32.14 -6.94 10.39
C TYR D 34 -32.92 -7.31 9.14
N TRP D 35 -32.26 -7.54 8.00
CA TRP D 35 -33.03 -7.86 6.80
C TRP D 35 -33.91 -9.07 7.01
N ASP D 36 -33.41 -10.06 7.75
CA ASP D 36 -34.16 -11.29 8.02
C ASP D 36 -34.52 -11.48 9.49
N HIS D 37 -34.19 -10.47 10.30
CA HIS D 37 -34.44 -10.48 11.74
C HIS D 37 -35.94 -10.33 12.01
N LYS D 38 -36.49 -11.23 12.84
CA LYS D 38 -37.94 -11.21 13.15
C LYS D 38 -38.31 -11.40 14.62
N GLU D 39 -37.63 -10.70 15.51
CA GLU D 39 -37.89 -10.77 16.94
C GLU D 39 -38.94 -9.75 17.34
N GLU D 40 -39.91 -10.16 18.14
CA GLU D 40 -40.96 -9.26 18.56
C GLU D 40 -40.44 -8.03 19.30
N GLY D 41 -40.76 -6.85 18.77
CA GLY D 41 -40.33 -5.61 19.37
C GLY D 41 -40.48 -4.42 18.43
N LEU D 42 -39.70 -3.37 18.68
CA LEU D 42 -39.76 -2.19 17.81
C LEU D 42 -38.39 -1.69 17.36
N TYR D 43 -38.32 -1.26 16.11
CA TYR D 43 -37.07 -0.75 15.53
C TYR D 43 -37.08 0.76 15.71
N VAL D 44 -36.01 1.30 16.27
CA VAL D 44 -35.95 2.74 16.51
C VAL D 44 -34.80 3.43 15.76
N ASP D 45 -34.86 4.76 15.67
CA ASP D 45 -33.83 5.56 15.00
C ASP D 45 -32.53 5.45 15.78
N ILE D 46 -31.46 4.91 15.17
CA ILE D 46 -30.19 4.81 15.89
C ILE D 46 -29.75 6.18 16.39
N VAL D 47 -30.29 7.23 15.79
CA VAL D 47 -29.93 8.58 16.19
C VAL D 47 -30.86 9.14 17.27
N SER D 48 -32.10 9.46 16.92
CA SER D 48 -33.03 10.02 17.90
C SER D 48 -33.54 9.00 18.90
N GLY D 49 -33.30 7.72 18.63
CA GLY D 49 -33.78 6.70 19.53
C GLY D 49 -35.29 6.61 19.53
N LYS D 50 -35.92 7.18 18.51
CA LYS D 50 -37.38 7.14 18.42
C LYS D 50 -37.89 5.98 17.58
N PRO D 51 -39.05 5.42 17.96
CA PRO D 51 -39.67 4.30 17.24
C PRO D 51 -40.03 4.68 15.80
N LEU D 52 -39.75 3.77 14.88
CA LEU D 52 -40.04 4.01 13.46
C LEU D 52 -40.88 2.87 12.95
N PHE D 53 -40.62 1.67 13.47
CA PHE D 53 -41.38 0.50 13.06
C PHE D 53 -41.52 -0.50 14.19
N THR D 54 -42.46 -1.43 14.00
CA THR D 54 -42.75 -2.49 14.97
C THR D 54 -42.56 -3.80 14.20
N SER D 55 -42.09 -4.85 14.86
CA SER D 55 -41.88 -6.07 14.12
C SER D 55 -43.23 -6.62 13.67
N LYS D 56 -44.32 -6.02 14.17
CA LYS D 56 -45.65 -6.45 13.79
C LYS D 56 -45.92 -6.09 12.33
N ASP D 57 -45.26 -5.04 11.85
CA ASP D 57 -45.42 -4.60 10.48
C ASP D 57 -44.35 -5.12 9.54
N LYS D 58 -43.30 -5.72 10.12
CA LYS D 58 -42.19 -6.26 9.33
C LYS D 58 -42.63 -7.55 8.67
N PHE D 59 -42.15 -7.79 7.45
CA PHE D 59 -42.50 -9.02 6.72
C PHE D 59 -41.32 -9.53 5.90
N ASP D 60 -41.49 -10.71 5.32
CA ASP D 60 -40.43 -11.28 4.49
C ASP D 60 -40.35 -10.60 3.14
N SER D 61 -39.14 -10.28 2.74
CA SER D 61 -38.87 -9.62 1.46
C SER D 61 -37.57 -10.23 0.96
N GLN D 62 -37.59 -10.80 -0.24
CA GLN D 62 -36.38 -11.39 -0.76
C GLN D 62 -35.41 -10.35 -1.33
N CYS D 63 -35.56 -9.10 -0.91
CA CYS D 63 -34.70 -8.02 -1.40
C CYS D 63 -33.43 -7.81 -0.60
N GLY D 64 -33.40 -8.32 0.64
CA GLY D 64 -32.20 -8.17 1.46
C GLY D 64 -32.13 -6.99 2.41
N TRP D 65 -33.27 -6.31 2.65
CA TRP D 65 -33.35 -5.17 3.56
C TRP D 65 -34.65 -5.21 4.34
N PRO D 66 -34.60 -5.01 5.66
CA PRO D 66 -35.82 -5.04 6.47
C PRO D 66 -36.99 -4.31 5.77
N SER D 67 -38.15 -4.96 5.70
CA SER D 67 -39.28 -4.36 5.00
C SER D 67 -40.59 -4.37 5.76
N PHE D 68 -41.19 -3.18 5.90
CA PHE D 68 -42.43 -3.01 6.63
C PHE D 68 -43.55 -2.53 5.71
N THR D 69 -44.79 -2.74 6.12
CA THR D 69 -45.92 -2.32 5.29
C THR D 69 -46.37 -0.91 5.64
N LYS D 70 -45.92 -0.41 6.79
CA LYS D 70 -46.25 0.93 7.25
C LYS D 70 -45.38 1.32 8.46
N PRO D 71 -45.18 2.63 8.68
CA PRO D 71 -44.37 3.10 9.81
C PRO D 71 -45.27 3.34 11.01
N ILE D 72 -44.71 3.87 12.10
CA ILE D 72 -45.51 4.13 13.28
C ILE D 72 -45.64 5.62 13.52
N GLU D 73 -46.85 6.13 13.29
CA GLU D 73 -47.17 7.53 13.48
C GLU D 73 -46.40 8.52 12.60
N GLU D 74 -45.93 9.58 13.23
CA GLU D 74 -45.23 10.65 12.55
C GLU D 74 -43.72 10.60 12.60
N GLU D 75 -43.13 9.54 13.14
CA GLU D 75 -41.68 9.49 13.19
C GLU D 75 -41.10 9.33 11.79
N VAL D 76 -41.95 8.95 10.84
CA VAL D 76 -41.51 8.75 9.47
C VAL D 76 -42.16 9.69 8.47
N GLU D 77 -41.35 10.29 7.59
CA GLU D 77 -41.86 11.20 6.57
C GLU D 77 -41.51 10.67 5.19
N GLU D 78 -42.34 10.98 4.20
CA GLU D 78 -42.12 10.59 2.81
C GLU D 78 -41.58 11.82 2.07
N LYS D 79 -40.79 11.60 1.02
CA LYS D 79 -40.22 12.71 0.27
C LYS D 79 -39.74 12.29 -1.12
N LEU D 80 -40.09 13.06 -2.15
CA LEU D 80 -39.68 12.74 -3.52
C LEU D 80 -38.17 12.83 -3.64
N ASP D 81 -37.57 11.79 -4.19
CA ASP D 81 -36.12 11.73 -4.35
C ASP D 81 -35.75 11.42 -5.79
N THR D 82 -35.87 12.43 -6.64
CA THR D 82 -35.58 12.30 -8.06
C THR D 82 -34.08 12.27 -8.36
N SER D 83 -33.29 11.59 -7.52
CA SER D 83 -31.85 11.50 -7.72
C SER D 83 -31.47 10.29 -8.56
N HIS D 84 -30.18 10.16 -8.83
CA HIS D 84 -29.64 9.04 -9.62
C HIS D 84 -30.40 8.75 -10.91
N GLY D 85 -31.01 9.78 -11.48
CA GLY D 85 -31.73 9.62 -12.72
C GLY D 85 -33.01 8.81 -12.68
N MET D 86 -33.74 8.88 -11.57
CA MET D 86 -34.99 8.14 -11.46
C MET D 86 -35.90 8.81 -10.45
N ILE D 87 -37.20 8.52 -10.53
CA ILE D 87 -38.14 9.12 -9.59
C ILE D 87 -38.60 8.11 -8.54
N ARG D 88 -38.14 8.32 -7.32
CA ARG D 88 -38.47 7.44 -6.20
C ARG D 88 -39.11 8.23 -5.07
N THR D 89 -39.45 7.52 -3.99
CA THR D 89 -40.06 8.15 -2.83
C THR D 89 -39.22 7.74 -1.61
N GLU D 90 -38.36 8.66 -1.17
CA GLU D 90 -37.48 8.44 -0.04
C GLU D 90 -38.22 8.50 1.29
N VAL D 91 -37.64 7.87 2.31
CA VAL D 91 -38.23 7.84 3.63
C VAL D 91 -37.15 8.30 4.60
N ARG D 92 -37.45 9.33 5.38
CA ARG D 92 -36.52 9.89 6.36
C ARG D 92 -37.22 10.06 7.71
N SER D 93 -36.45 10.13 8.79
CA SER D 93 -37.04 10.31 10.12
C SER D 93 -37.38 11.78 10.36
N ARG D 94 -38.48 12.01 11.06
CA ARG D 94 -38.98 13.36 11.36
C ARG D 94 -38.05 14.18 12.25
N THR D 95 -37.70 13.61 13.40
CA THR D 95 -36.85 14.29 14.35
C THR D 95 -35.37 14.38 13.98
N ALA D 96 -34.69 13.24 13.98
CA ALA D 96 -33.28 13.23 13.65
C ALA D 96 -33.00 13.62 12.20
N ASP D 97 -33.98 13.40 11.33
CA ASP D 97 -33.85 13.70 9.90
C ASP D 97 -32.75 12.85 9.27
N SER D 98 -32.86 11.54 9.43
CA SER D 98 -31.89 10.64 8.86
C SER D 98 -32.52 9.86 7.71
N HIS D 99 -31.70 9.57 6.71
CA HIS D 99 -32.15 8.82 5.55
C HIS D 99 -32.45 7.39 5.97
N LEU D 100 -33.70 6.98 5.78
CA LEU D 100 -34.12 5.65 6.13
C LEU D 100 -33.96 4.73 4.92
N GLY D 101 -34.62 5.08 3.83
CA GLY D 101 -34.55 4.28 2.62
C GLY D 101 -35.62 4.72 1.65
N HIS D 102 -36.44 3.78 1.17
CA HIS D 102 -37.50 4.10 0.23
C HIS D 102 -38.80 3.29 0.38
N VAL D 103 -39.88 3.85 -0.13
CA VAL D 103 -41.20 3.23 -0.10
C VAL D 103 -41.55 2.86 -1.53
N PHE D 104 -41.94 1.60 -1.73
CA PHE D 104 -42.31 1.12 -3.06
C PHE D 104 -43.77 0.70 -3.02
N ASN D 105 -44.46 0.78 -4.14
CA ASN D 105 -45.86 0.39 -4.13
C ASN D 105 -46.04 -1.03 -4.64
N ASP D 106 -45.27 -1.95 -4.06
CA ASP D 106 -45.34 -3.36 -4.43
C ASP D 106 -45.37 -4.27 -3.20
N GLY D 107 -45.71 -3.69 -2.05
CA GLY D 107 -45.78 -4.45 -0.82
C GLY D 107 -46.93 -5.45 -0.70
N PRO D 108 -46.95 -6.26 0.37
CA PRO D 108 -47.98 -7.28 0.64
C PRO D 108 -49.35 -6.73 0.96
N GLY D 109 -49.56 -5.43 0.76
CA GLY D 109 -50.86 -4.84 1.05
C GLY D 109 -51.07 -4.73 2.54
N PRO D 110 -52.27 -4.37 3.01
CA PRO D 110 -53.45 -4.04 2.21
C PRO D 110 -53.23 -2.72 1.49
N ASN D 111 -52.25 -1.95 1.98
CA ASN D 111 -51.91 -0.67 1.39
C ASN D 111 -51.01 -0.92 0.18
N GLY D 112 -50.35 -2.07 0.19
CA GLY D 112 -49.45 -2.42 -0.90
C GLY D 112 -48.14 -1.68 -0.83
N LEU D 113 -47.88 -1.02 0.28
CA LEU D 113 -46.64 -0.27 0.43
C LEU D 113 -45.54 -1.15 1.03
N ARG D 114 -44.34 -1.05 0.48
CA ARG D 114 -43.21 -1.79 1.01
C ARG D 114 -42.17 -0.77 1.43
N TYR D 115 -42.03 -0.57 2.74
CA TYR D 115 -41.02 0.36 3.26
C TYR D 115 -39.71 -0.39 3.36
N CYS D 116 -38.77 -0.05 2.47
CA CYS D 116 -37.48 -0.70 2.46
C CYS D 116 -36.47 0.14 3.25
N ILE D 117 -36.18 -0.31 4.46
CA ILE D 117 -35.27 0.43 5.34
C ILE D 117 -33.93 -0.24 5.56
N ASN D 118 -32.92 0.60 5.81
CA ASN D 118 -31.56 0.13 6.06
C ASN D 118 -31.43 -0.19 7.52
N SER D 119 -30.91 -1.39 7.80
CA SER D 119 -30.70 -1.83 9.17
C SER D 119 -29.78 -0.78 9.79
N ALA D 120 -28.93 -0.20 8.94
CA ALA D 120 -27.96 0.82 9.33
C ALA D 120 -28.50 2.03 10.08
N ALA D 121 -29.79 2.31 9.92
CA ALA D 121 -30.39 3.46 10.60
C ALA D 121 -31.37 3.04 11.69
N LEU D 122 -31.25 1.79 12.14
CA LEU D 122 -32.13 1.25 13.17
C LEU D 122 -31.45 0.65 14.39
N ARG D 123 -32.21 0.60 15.47
CA ARG D 123 -31.80 -0.01 16.72
C ARG D 123 -33.02 -0.80 17.12
N PHE D 124 -32.87 -2.11 17.13
CA PHE D 124 -33.98 -2.96 17.50
C PHE D 124 -34.05 -3.02 19.01
N VAL D 125 -35.28 -3.07 19.53
CA VAL D 125 -35.51 -3.16 20.97
C VAL D 125 -36.58 -4.24 21.17
N PRO D 126 -36.20 -5.36 21.84
CA PRO D 126 -37.10 -6.48 22.12
C PRO D 126 -38.19 -6.09 23.10
N LYS D 127 -39.38 -6.67 22.90
CA LYS D 127 -40.53 -6.38 23.76
C LYS D 127 -40.23 -6.55 25.24
N HIS D 128 -39.28 -7.43 25.58
CA HIS D 128 -38.94 -7.67 26.98
C HIS D 128 -37.99 -6.61 27.55
N LYS D 129 -37.81 -5.52 26.83
CA LYS D 129 -36.96 -4.43 27.28
C LYS D 129 -37.62 -3.11 26.97
N LEU D 130 -38.78 -3.16 26.32
CA LEU D 130 -39.49 -1.95 25.99
C LEU D 130 -39.73 -1.05 27.19
N LYS D 131 -40.20 -1.62 28.30
CA LYS D 131 -40.47 -0.83 29.50
C LYS D 131 -39.19 -0.24 30.09
N GLU D 132 -38.31 -1.12 30.56
CA GLU D 132 -37.04 -0.72 31.18
C GLU D 132 -36.25 0.27 30.33
N GLU D 133 -36.59 0.36 29.05
CA GLU D 133 -35.90 1.26 28.15
C GLU D 133 -36.65 2.59 27.97
N GLY D 134 -37.93 2.60 28.37
CA GLY D 134 -38.71 3.81 28.26
C GLY D 134 -39.75 3.83 27.15
N TYR D 135 -39.99 2.69 26.51
CA TYR D 135 -40.97 2.65 25.44
C TYR D 135 -42.20 1.87 25.89
N GLU D 136 -42.62 2.10 27.14
CA GLU D 136 -43.77 1.42 27.69
C GLU D 136 -45.05 1.84 26.98
N SER D 137 -45.16 3.13 26.71
CA SER D 137 -46.33 3.68 26.04
C SER D 137 -46.48 3.13 24.62
N TYR D 138 -45.57 2.24 24.22
CA TYR D 138 -45.61 1.65 22.89
C TYR D 138 -45.87 0.16 23.04
N LEU D 139 -45.47 -0.37 24.18
CA LEU D 139 -45.62 -1.77 24.51
C LEU D 139 -47.03 -2.26 24.21
N HIS D 140 -48.00 -1.37 24.36
CA HIS D 140 -49.40 -1.70 24.12
C HIS D 140 -49.66 -2.19 22.69
N LEU D 141 -48.63 -2.16 21.84
CA LEU D 141 -48.78 -2.58 20.46
C LEU D 141 -48.34 -4.02 20.22
N PHE D 142 -48.65 -4.92 21.13
CA PHE D 142 -48.24 -6.31 20.95
C PHE D 142 -49.29 -7.33 21.41
N MET E 2 20.44 2.58 31.68
CA MET E 2 20.47 2.50 33.17
C MET E 2 19.45 1.50 33.71
N ALA E 3 18.21 1.96 33.89
CA ALA E 3 17.14 1.10 34.41
C ALA E 3 15.78 1.38 33.75
N TYR E 4 15.77 1.51 32.44
CA TYR E 4 14.53 1.78 31.73
C TYR E 4 14.44 1.22 30.30
N ASN E 5 15.38 0.37 29.93
CA ASN E 5 15.39 -0.25 28.60
C ASN E 5 14.85 -1.66 28.79
N LYS E 6 15.39 -2.35 29.79
CA LYS E 6 14.98 -3.70 30.13
C LYS E 6 13.72 -3.65 31.00
N GLU E 7 13.70 -2.71 31.94
CA GLU E 7 12.56 -2.56 32.84
C GLU E 7 11.35 -2.11 32.04
N GLU E 8 11.59 -1.53 30.88
CA GLU E 8 10.54 -1.05 30.02
C GLU E 8 10.07 -2.17 29.10
N LYS E 9 11.03 -2.88 28.51
CA LYS E 9 10.70 -3.99 27.63
C LYS E 9 9.80 -4.94 28.41
N ILE E 10 10.24 -5.32 29.61
CA ILE E 10 9.45 -6.21 30.44
C ILE E 10 8.03 -5.69 30.58
N LYS E 11 7.88 -4.41 30.92
CA LYS E 11 6.55 -3.84 31.07
C LYS E 11 5.67 -3.98 29.83
N SER E 12 6.29 -4.10 28.66
CA SER E 12 5.52 -4.22 27.45
C SER E 12 5.25 -5.66 27.05
N LEU E 13 5.52 -6.59 27.96
CA LEU E 13 5.29 -8.00 27.68
C LEU E 13 3.84 -8.33 28.00
N ASN E 14 3.29 -9.37 27.38
CA ASN E 14 1.91 -9.73 27.66
C ASN E 14 1.84 -10.71 28.84
N ARG E 15 0.64 -10.85 29.41
CA ARG E 15 0.42 -11.70 30.56
C ARG E 15 1.39 -12.87 30.66
N MET E 16 1.16 -13.88 29.82
CA MET E 16 1.99 -15.09 29.83
C MET E 16 3.50 -14.85 29.73
N GLN E 17 3.92 -14.00 28.80
CA GLN E 17 5.33 -13.70 28.60
C GLN E 17 5.93 -13.22 29.90
N TYR E 18 5.17 -12.41 30.61
CA TYR E 18 5.60 -11.87 31.88
C TYR E 18 5.59 -12.99 32.93
N GLU E 19 4.44 -13.64 33.06
CA GLU E 19 4.27 -14.74 34.00
C GLU E 19 5.46 -15.71 33.92
N VAL E 20 5.77 -16.12 32.70
CA VAL E 20 6.87 -17.03 32.48
C VAL E 20 8.21 -16.40 32.81
N THR E 21 8.67 -15.51 31.94
CA THR E 21 9.96 -14.84 32.11
C THR E 21 10.18 -14.15 33.45
N GLN E 22 9.16 -13.48 33.97
CA GLN E 22 9.30 -12.76 35.24
C GLN E 22 8.89 -13.53 36.50
N ASN E 23 7.79 -14.27 36.41
CA ASN E 23 7.32 -15.03 37.57
C ASN E 23 7.72 -16.51 37.58
N ASN E 24 8.59 -16.90 36.66
CA ASN E 24 9.06 -18.27 36.56
C ASN E 24 7.93 -19.29 36.47
N GLY E 25 6.84 -18.92 35.80
CA GLY E 25 5.72 -19.82 35.63
C GLY E 25 5.95 -20.55 34.33
N THR E 26 4.96 -21.26 33.82
CA THR E 26 5.11 -21.98 32.55
C THR E 26 3.81 -21.99 31.76
N GLU E 27 3.93 -21.91 30.44
CA GLU E 27 2.78 -21.88 29.54
C GLU E 27 2.16 -23.26 29.34
N PRO E 28 0.93 -23.29 28.79
CA PRO E 28 0.26 -24.57 28.54
C PRO E 28 1.02 -25.37 27.50
N PRO E 29 0.92 -26.70 27.56
CA PRO E 29 1.59 -27.58 26.60
C PRO E 29 0.76 -27.54 25.32
N PHE E 30 1.42 -27.60 24.16
CA PHE E 30 0.72 -27.59 22.88
C PHE E 30 -0.08 -26.33 22.54
N GLN E 31 -0.38 -25.50 23.54
CA GLN E 31 -1.12 -24.29 23.27
C GLN E 31 -0.20 -23.08 23.37
N ASN E 32 0.94 -23.18 22.69
CA ASN E 32 1.93 -22.11 22.67
C ASN E 32 2.30 -21.97 21.22
N GLU E 33 3.21 -21.05 20.91
CA GLU E 33 3.56 -20.80 19.53
C GLU E 33 4.71 -21.52 18.83
N TYR E 34 5.72 -21.99 19.57
CA TYR E 34 6.84 -22.64 18.91
C TYR E 34 7.05 -24.12 19.13
N TRP E 35 6.24 -24.74 19.97
CA TRP E 35 6.42 -26.16 20.27
C TRP E 35 6.52 -27.05 19.04
N ASP E 36 5.79 -26.73 17.98
CA ASP E 36 5.80 -27.53 16.78
C ASP E 36 6.42 -26.79 15.60
N HIS E 37 6.84 -25.56 15.85
CA HIS E 37 7.44 -24.69 14.83
C HIS E 37 8.78 -25.26 14.33
N LYS E 38 8.95 -25.29 13.00
CA LYS E 38 10.17 -25.86 12.40
C LYS E 38 10.84 -25.02 11.30
N GLU E 39 10.51 -23.74 11.24
CA GLU E 39 11.10 -22.85 10.25
C GLU E 39 12.56 -22.60 10.54
N GLU E 40 13.39 -22.48 9.51
CA GLU E 40 14.79 -22.24 9.75
C GLU E 40 14.99 -20.85 10.34
N GLY E 41 15.78 -20.77 11.41
CA GLY E 41 16.02 -19.47 12.01
C GLY E 41 16.63 -19.46 13.40
N LEU E 42 16.42 -18.35 14.10
CA LEU E 42 16.96 -18.15 15.42
C LEU E 42 15.85 -17.85 16.43
N TYR E 43 16.07 -18.22 17.68
CA TYR E 43 15.11 -17.93 18.75
C TYR E 43 15.83 -16.99 19.71
N VAL E 44 15.40 -15.73 19.73
CA VAL E 44 16.04 -14.75 20.59
C VAL E 44 15.30 -14.49 21.90
N ASP E 45 16.00 -13.95 22.89
CA ASP E 45 15.41 -13.62 24.18
C ASP E 45 14.30 -12.62 23.91
N ILE E 46 13.08 -12.97 24.30
CA ILE E 46 11.93 -12.10 24.07
C ILE E 46 12.10 -10.73 24.71
N VAL E 47 12.98 -10.64 25.70
CA VAL E 47 13.25 -9.39 26.40
C VAL E 47 14.50 -8.67 25.89
N SER E 48 15.66 -9.27 26.12
CA SER E 48 16.92 -8.68 25.69
C SER E 48 17.19 -8.83 24.19
N GLY E 49 16.36 -9.59 23.49
CA GLY E 49 16.59 -9.76 22.07
C GLY E 49 17.83 -10.56 21.70
N LYS E 50 18.62 -11.01 22.67
CA LYS E 50 19.82 -11.78 22.35
C LYS E 50 19.52 -13.24 21.98
N PRO E 51 20.28 -13.79 21.03
CA PRO E 51 20.11 -15.18 20.56
C PRO E 51 20.20 -16.22 21.68
N LEU E 52 19.20 -17.08 21.76
CA LEU E 52 19.15 -18.11 22.80
C LEU E 52 19.32 -19.53 22.28
N PHE E 53 18.59 -19.85 21.22
CA PHE E 53 18.63 -21.16 20.59
C PHE E 53 18.47 -21.00 19.09
N THR E 54 19.02 -21.92 18.32
CA THR E 54 18.89 -21.86 16.87
C THR E 54 17.93 -22.96 16.45
N SER E 55 17.37 -22.81 15.26
CA SER E 55 16.44 -23.77 14.71
C SER E 55 17.13 -25.11 14.49
N LYS E 56 18.45 -25.09 14.39
CA LYS E 56 19.19 -26.31 14.14
C LYS E 56 19.29 -27.29 15.32
N ASP E 57 19.34 -26.78 16.54
CA ASP E 57 19.45 -27.66 17.70
C ASP E 57 18.07 -28.07 18.23
N LYS E 58 17.01 -27.53 17.61
CA LYS E 58 15.64 -27.83 18.03
C LYS E 58 15.27 -29.21 17.49
N PHE E 59 14.38 -29.91 18.18
CA PHE E 59 13.92 -31.21 17.72
C PHE E 59 12.46 -31.44 18.07
N ASP E 60 11.93 -32.60 17.71
CA ASP E 60 10.53 -32.91 17.96
C ASP E 60 10.30 -33.82 19.16
N SER E 61 9.83 -33.23 20.25
CA SER E 61 9.55 -34.03 21.43
C SER E 61 8.04 -34.11 21.43
N GLN E 62 7.48 -34.72 22.46
CA GLN E 62 6.04 -34.83 22.54
C GLN E 62 5.54 -34.17 23.80
N CYS E 63 6.37 -33.32 24.40
CA CYS E 63 6.00 -32.64 25.64
C CYS E 63 5.13 -31.41 25.42
N GLY E 64 5.13 -30.85 24.21
CA GLY E 64 4.30 -29.69 23.93
C GLY E 64 4.95 -28.32 24.07
N TRP E 65 6.28 -28.28 24.08
CA TRP E 65 7.05 -27.05 24.20
C TRP E 65 8.31 -27.13 23.36
N PRO E 66 8.87 -25.98 22.96
CA PRO E 66 10.08 -26.00 22.16
C PRO E 66 11.18 -26.80 22.87
N SER E 67 11.85 -27.69 22.13
CA SER E 67 12.91 -28.52 22.72
C SER E 67 14.21 -28.56 21.94
N PHE E 68 15.30 -28.15 22.59
CA PHE E 68 16.59 -28.15 21.93
C PHE E 68 17.57 -29.03 22.70
N THR E 69 18.65 -29.40 22.02
CA THR E 69 19.68 -30.23 22.60
C THR E 69 20.74 -29.37 23.27
N LYS E 70 21.00 -28.19 22.70
CA LYS E 70 21.99 -27.27 23.27
C LYS E 70 21.60 -25.82 23.06
N PRO E 71 22.16 -24.92 23.88
CA PRO E 71 21.86 -23.49 23.78
C PRO E 71 22.92 -22.75 22.98
N ILE E 72 22.95 -21.43 23.14
CA ILE E 72 23.93 -20.63 22.44
C ILE E 72 25.02 -20.06 23.37
N GLU E 73 26.13 -19.71 22.75
CA GLU E 73 27.33 -19.16 23.39
C GLU E 73 27.17 -18.42 24.70
N GLU E 74 27.25 -19.14 25.81
CA GLU E 74 27.18 -18.48 27.09
C GLU E 74 26.10 -17.41 27.15
N GLU E 75 24.91 -17.72 26.67
CA GLU E 75 23.80 -16.77 26.71
C GLU E 75 22.67 -17.32 27.55
N VAL E 76 22.74 -18.63 27.77
CA VAL E 76 21.75 -19.38 28.53
C VAL E 76 22.44 -20.00 29.75
N GLU E 77 21.93 -19.73 30.94
CA GLU E 77 22.54 -20.27 32.15
C GLU E 77 21.65 -21.30 32.81
N GLU E 78 22.26 -22.29 33.46
CA GLU E 78 21.52 -23.32 34.17
C GLU E 78 21.73 -23.18 35.67
N LYS E 79 20.69 -23.42 36.44
CA LYS E 79 20.82 -23.32 37.89
C LYS E 79 19.86 -24.25 38.62
N LEU E 80 20.31 -24.80 39.74
CA LEU E 80 19.50 -25.73 40.55
C LEU E 80 18.16 -25.09 40.89
N ASP E 81 17.12 -25.89 40.88
CA ASP E 81 15.77 -25.45 41.17
C ASP E 81 15.11 -26.47 42.08
N THR E 82 15.18 -26.24 43.38
CA THR E 82 14.60 -27.14 44.35
C THR E 82 13.15 -26.80 44.64
N SER E 83 12.60 -25.82 43.93
CA SER E 83 11.21 -25.41 44.14
C SER E 83 10.22 -26.53 43.87
N HIS E 84 9.01 -26.37 44.40
CA HIS E 84 7.93 -27.34 44.22
C HIS E 84 8.28 -28.75 44.68
N GLY E 85 9.02 -28.86 45.77
CA GLY E 85 9.35 -30.17 46.29
C GLY E 85 10.04 -31.10 45.33
N MET E 86 10.57 -30.56 44.24
CA MET E 86 11.27 -31.38 43.27
C MET E 86 12.70 -30.88 43.24
N ILE E 87 13.52 -31.50 42.41
CA ILE E 87 14.92 -31.09 42.27
C ILE E 87 15.19 -31.13 40.77
N ARG E 88 15.16 -29.93 40.17
CA ARG E 88 15.37 -29.77 38.74
C ARG E 88 16.49 -28.79 38.40
N THR E 89 16.71 -28.57 37.11
CA THR E 89 17.73 -27.65 36.65
C THR E 89 17.07 -26.63 35.74
N GLU E 90 16.83 -25.43 36.29
CA GLU E 90 16.17 -24.35 35.55
C GLU E 90 17.13 -23.75 34.54
N VAL E 91 16.56 -23.15 33.50
CA VAL E 91 17.35 -22.53 32.48
C VAL E 91 16.90 -21.07 32.40
N ARG E 92 17.86 -20.16 32.52
CA ARG E 92 17.60 -18.73 32.46
C ARG E 92 18.57 -18.10 31.47
N SER E 93 18.22 -16.89 30.98
CA SER E 93 19.07 -16.17 30.05
C SER E 93 19.99 -15.30 30.89
N ARG E 94 21.26 -15.24 30.50
CA ARG E 94 22.25 -14.48 31.26
C ARG E 94 22.07 -12.98 31.28
N THR E 95 21.87 -12.38 30.12
CA THR E 95 21.73 -10.93 30.04
C THR E 95 20.43 -10.35 30.62
N ALA E 96 19.28 -10.80 30.16
CA ALA E 96 18.01 -10.27 30.65
C ALA E 96 17.42 -10.99 31.86
N ASP E 97 18.11 -12.04 32.32
CA ASP E 97 17.69 -12.89 33.44
C ASP E 97 16.22 -13.25 33.46
N SER E 98 15.73 -13.75 32.34
CA SER E 98 14.35 -14.16 32.27
C SER E 98 14.33 -15.66 32.39
N HIS E 99 13.31 -16.17 33.08
CA HIS E 99 13.17 -17.62 33.23
C HIS E 99 12.86 -18.19 31.84
N LEU E 100 13.54 -19.27 31.49
CA LEU E 100 13.30 -19.86 30.18
C LEU E 100 12.57 -21.20 30.33
N GLY E 101 13.12 -22.05 31.19
CA GLY E 101 12.52 -23.35 31.41
C GLY E 101 13.47 -24.24 32.19
N HIS E 102 13.59 -25.50 31.77
CA HIS E 102 14.49 -26.42 32.46
C HIS E 102 15.19 -27.33 31.48
N VAL E 103 16.27 -27.95 31.94
CA VAL E 103 17.04 -28.90 31.14
C VAL E 103 16.76 -30.26 31.72
N PHE E 104 16.74 -31.28 30.85
CA PHE E 104 16.52 -32.62 31.34
C PHE E 104 17.58 -33.52 30.72
N ASN E 105 17.85 -34.66 31.33
CA ASN E 105 18.87 -35.54 30.77
C ASN E 105 18.29 -36.71 29.98
N ASP E 106 17.23 -36.45 29.22
CA ASP E 106 16.59 -37.47 28.40
C ASP E 106 16.46 -37.00 26.96
N GLY E 107 17.39 -36.15 26.53
CA GLY E 107 17.38 -35.63 25.18
C GLY E 107 17.85 -36.61 24.12
N PRO E 108 17.70 -36.29 22.84
CA PRO E 108 18.12 -37.17 21.75
C PRO E 108 19.58 -36.98 21.35
N GLY E 109 20.13 -35.79 21.61
CA GLY E 109 21.50 -35.51 21.25
C GLY E 109 22.52 -36.40 21.94
N PRO E 110 23.80 -36.32 21.54
CA PRO E 110 24.90 -37.11 22.11
C PRO E 110 24.99 -36.94 23.63
N ASN E 111 25.02 -35.68 24.05
CA ASN E 111 25.10 -35.32 25.45
C ASN E 111 23.80 -35.65 26.18
N GLY E 112 22.78 -36.01 25.41
CA GLY E 112 21.50 -36.38 25.97
C GLY E 112 20.79 -35.30 26.78
N LEU E 113 20.75 -34.08 26.27
CA LEU E 113 20.07 -33.02 26.97
C LEU E 113 18.83 -32.58 26.21
N ARG E 114 17.77 -32.27 26.94
CA ARG E 114 16.53 -31.81 26.35
C ARG E 114 16.18 -30.46 26.96
N TYR E 115 16.65 -29.38 26.34
CA TYR E 115 16.32 -28.05 26.84
C TYR E 115 14.86 -27.76 26.54
N CYS E 116 14.02 -27.85 27.56
CA CYS E 116 12.60 -27.60 27.40
C CYS E 116 12.24 -26.13 27.73
N ILE E 117 12.11 -25.30 26.70
CA ILE E 117 11.82 -23.88 26.86
C ILE E 117 10.42 -23.42 26.47
N ASN E 118 9.95 -22.37 27.14
CA ASN E 118 8.64 -21.79 26.89
C ASN E 118 8.69 -20.93 25.64
N SER E 119 7.66 -21.05 24.81
CA SER E 119 7.59 -20.25 23.61
C SER E 119 7.49 -18.80 24.06
N ALA E 120 6.78 -18.59 25.16
CA ALA E 120 6.56 -17.25 25.69
C ALA E 120 7.79 -16.44 26.07
N ALA E 121 8.96 -17.07 26.07
CA ALA E 121 10.19 -16.35 26.42
C ALA E 121 11.06 -16.18 25.18
N LEU E 122 10.47 -16.39 24.00
CA LEU E 122 11.23 -16.29 22.77
C LEU E 122 10.57 -15.52 21.63
N ARG E 123 11.40 -14.88 20.80
CA ARG E 123 10.98 -14.15 19.62
C ARG E 123 11.73 -14.89 18.52
N PHE E 124 11.02 -15.57 17.62
CA PHE E 124 11.69 -16.31 16.55
C PHE E 124 12.04 -15.34 15.44
N VAL E 125 13.20 -15.56 14.83
CA VAL E 125 13.63 -14.70 13.73
C VAL E 125 14.05 -15.59 12.56
N PRO E 126 13.30 -15.52 11.45
CA PRO E 126 13.58 -16.32 10.26
C PRO E 126 14.97 -16.04 9.73
N LYS E 127 15.54 -17.01 9.04
CA LYS E 127 16.87 -16.86 8.47
C LYS E 127 16.96 -15.68 7.49
N HIS E 128 15.95 -15.54 6.62
CA HIS E 128 15.97 -14.46 5.65
C HIS E 128 15.80 -13.09 6.26
N LYS E 129 15.77 -13.01 7.58
CA LYS E 129 15.62 -11.71 8.24
C LYS E 129 16.72 -11.47 9.26
N LEU E 130 17.64 -12.42 9.40
CA LEU E 130 18.72 -12.30 10.37
C LEU E 130 19.59 -11.07 10.16
N LYS E 131 19.96 -10.81 8.92
CA LYS E 131 20.83 -9.67 8.63
C LYS E 131 20.15 -8.33 8.90
N GLU E 132 18.87 -8.24 8.56
CA GLU E 132 18.11 -6.99 8.78
C GLU E 132 18.00 -6.71 10.28
N GLU E 133 17.47 -7.68 11.02
CA GLU E 133 17.27 -7.51 12.46
C GLU E 133 18.56 -7.20 13.21
N GLY E 134 19.69 -7.66 12.68
CA GLY E 134 20.97 -7.40 13.31
C GLY E 134 21.74 -8.64 13.73
N TYR E 135 21.35 -9.79 13.20
CA TYR E 135 22.01 -11.03 13.56
C TYR E 135 22.86 -11.63 12.44
N GLU E 136 23.54 -10.75 11.68
CA GLU E 136 24.39 -11.23 10.60
C GLU E 136 25.50 -12.09 11.20
N SER E 137 25.90 -11.71 12.43
CA SER E 137 26.95 -12.40 13.16
C SER E 137 26.69 -13.89 13.36
N TYR E 138 25.43 -14.30 13.24
CA TYR E 138 25.08 -15.71 13.42
C TYR E 138 24.60 -16.34 12.12
N LEU E 139 24.42 -15.50 11.10
CA LEU E 139 23.92 -15.97 9.82
C LEU E 139 24.73 -17.13 9.24
N HIS E 140 25.88 -17.40 9.85
CA HIS E 140 26.75 -18.48 9.39
C HIS E 140 26.34 -19.83 9.98
N LEU E 141 25.69 -19.80 11.13
CA LEU E 141 25.23 -21.02 11.80
C LEU E 141 24.22 -21.76 10.94
N PHE E 142 24.07 -21.33 9.69
CA PHE E 142 23.13 -21.98 8.79
C PHE E 142 23.76 -22.28 7.42
N MET F 2 -4.43 25.49 -26.84
CA MET F 2 -4.16 24.06 -26.54
C MET F 2 -5.43 23.21 -26.64
N ALA F 3 -5.36 21.98 -26.14
CA ALA F 3 -6.48 21.04 -26.15
C ALA F 3 -5.96 19.63 -25.88
N TYR F 4 -5.67 18.90 -26.96
CA TYR F 4 -5.16 17.52 -26.90
C TYR F 4 -3.64 17.50 -26.86
N ASN F 5 -3.02 18.54 -27.44
CA ASN F 5 -1.56 18.62 -27.45
C ASN F 5 -1.17 18.58 -25.98
N LYS F 6 -1.85 19.41 -25.18
CA LYS F 6 -1.61 19.49 -23.75
C LYS F 6 -1.61 18.10 -23.11
N GLU F 7 -2.58 17.28 -23.48
CA GLU F 7 -2.69 15.94 -22.93
C GLU F 7 -1.47 15.06 -23.22
N GLU F 8 -1.08 14.97 -24.49
CA GLU F 8 0.07 14.14 -24.86
C GLU F 8 1.36 14.80 -24.36
N LYS F 9 1.34 16.11 -24.26
CA LYS F 9 2.49 16.87 -23.80
C LYS F 9 2.69 16.65 -22.30
N ILE F 10 1.58 16.52 -21.58
CA ILE F 10 1.64 16.29 -20.14
C ILE F 10 2.11 14.86 -19.89
N LYS F 11 1.62 13.94 -20.71
CA LYS F 11 1.99 12.53 -20.61
C LYS F 11 3.50 12.35 -20.85
N SER F 12 4.14 13.39 -21.40
CA SER F 12 5.57 13.37 -21.68
C SER F 12 6.38 13.61 -20.42
N LEU F 13 6.02 14.67 -19.71
CA LEU F 13 6.71 15.06 -18.49
C LEU F 13 7.05 13.88 -17.60
N ASN F 14 8.21 13.94 -16.94
CA ASN F 14 8.64 12.88 -16.04
C ASN F 14 7.82 13.06 -14.76
N ARG F 15 8.10 12.24 -13.76
CA ARG F 15 7.36 12.30 -12.50
C ARG F 15 7.37 13.65 -11.76
N MET F 16 8.57 14.23 -11.58
CA MET F 16 8.72 15.50 -10.90
C MET F 16 8.06 16.69 -11.60
N GLN F 17 8.11 16.71 -12.93
CA GLN F 17 7.53 17.80 -13.70
C GLN F 17 6.01 17.77 -13.58
N TYR F 18 5.45 16.57 -13.52
CA TYR F 18 4.01 16.41 -13.37
C TYR F 18 3.67 16.86 -11.95
N GLU F 19 4.34 16.27 -10.98
CA GLU F 19 4.13 16.61 -9.58
C GLU F 19 4.15 18.13 -9.40
N VAL F 20 5.07 18.80 -10.09
CA VAL F 20 5.19 20.25 -9.99
C VAL F 20 4.17 21.02 -10.82
N THR F 21 4.23 20.89 -12.14
CA THR F 21 3.33 21.62 -13.02
C THR F 21 1.83 21.33 -12.89
N GLN F 22 1.46 20.07 -12.71
CA GLN F 22 0.07 19.69 -12.60
C GLN F 22 -0.41 19.58 -11.17
N ASN F 23 0.45 19.08 -10.29
CA ASN F 23 0.13 18.89 -8.88
C ASN F 23 0.65 19.95 -7.92
N ASN F 24 1.21 21.02 -8.47
CA ASN F 24 1.74 22.14 -7.69
C ASN F 24 2.77 21.77 -6.61
N GLY F 25 3.57 20.75 -6.91
CA GLY F 25 4.60 20.32 -5.99
C GLY F 25 5.87 21.13 -6.23
N THR F 26 6.86 20.98 -5.36
CA THR F 26 8.09 21.71 -5.52
C THR F 26 9.30 20.80 -5.60
N GLU F 27 10.13 21.03 -6.62
CA GLU F 27 11.35 20.25 -6.84
C GLU F 27 12.35 20.61 -5.74
N PRO F 28 13.18 19.64 -5.32
CA PRO F 28 14.17 19.92 -4.28
C PRO F 28 15.23 20.96 -4.68
N PRO F 29 15.73 21.75 -3.70
CA PRO F 29 16.75 22.82 -3.74
C PRO F 29 18.19 22.43 -4.13
N PHE F 30 18.76 23.19 -5.07
CA PHE F 30 20.12 22.95 -5.54
C PHE F 30 20.18 21.60 -6.24
N GLN F 31 19.03 20.99 -6.45
CA GLN F 31 18.94 19.69 -7.09
C GLN F 31 17.91 19.71 -8.21
N ASN F 32 18.12 20.64 -9.14
CA ASN F 32 17.29 20.80 -10.31
C ASN F 32 18.27 21.32 -11.36
N GLU F 33 17.92 21.17 -12.62
CA GLU F 33 18.82 21.57 -13.71
C GLU F 33 19.04 23.06 -13.94
N TYR F 34 18.05 23.90 -13.64
CA TYR F 34 18.20 25.31 -13.94
C TYR F 34 18.61 26.33 -12.88
N TRP F 35 18.83 25.93 -11.63
CA TRP F 35 19.22 26.93 -10.64
C TRP F 35 20.63 27.48 -10.87
N ASP F 36 21.54 26.65 -11.39
CA ASP F 36 22.91 27.06 -11.68
C ASP F 36 22.99 27.83 -13.00
N HIS F 37 22.75 27.10 -14.08
CA HIS F 37 22.75 27.59 -15.46
C HIS F 37 23.51 28.86 -15.86
N LYS F 38 22.88 30.02 -15.76
CA LYS F 38 23.53 31.28 -16.14
C LYS F 38 23.85 31.31 -17.64
N GLU F 39 23.15 30.48 -18.41
CA GLU F 39 23.36 30.39 -19.86
C GLU F 39 22.46 31.35 -20.63
N GLU F 40 23.04 32.09 -21.59
CA GLU F 40 22.27 33.05 -22.38
C GLU F 40 21.27 32.32 -23.26
N GLY F 41 20.00 32.38 -22.88
CA GLY F 41 18.97 31.72 -23.65
C GLY F 41 17.55 32.09 -23.27
N LEU F 42 16.63 31.19 -23.55
CA LEU F 42 15.22 31.42 -23.26
C LEU F 42 14.63 30.24 -22.47
N TYR F 43 14.07 30.54 -21.30
CA TYR F 43 13.45 29.51 -20.47
C TYR F 43 11.98 29.42 -20.89
N VAL F 44 11.68 28.38 -21.66
CA VAL F 44 10.35 28.16 -22.21
C VAL F 44 9.44 27.33 -21.30
N ASP F 45 8.14 27.38 -21.59
CA ASP F 45 7.13 26.63 -20.86
C ASP F 45 7.26 25.17 -21.29
N ILE F 46 7.45 24.27 -20.33
CA ILE F 46 7.63 22.86 -20.65
C ILE F 46 6.38 22.16 -21.17
N VAL F 47 5.25 22.86 -21.17
CA VAL F 47 3.99 22.28 -21.66
C VAL F 47 3.51 22.96 -22.95
N SER F 48 3.38 24.29 -22.90
CA SER F 48 2.92 25.07 -24.05
C SER F 48 4.05 25.55 -24.97
N GLY F 49 5.29 25.43 -24.51
CA GLY F 49 6.40 25.87 -25.32
C GLY F 49 6.49 27.39 -25.39
N LYS F 50 5.60 28.06 -24.67
CA LYS F 50 5.58 29.51 -24.63
C LYS F 50 6.69 30.08 -23.72
N PRO F 51 7.41 31.12 -24.19
CA PRO F 51 8.49 31.75 -23.43
C PRO F 51 7.99 32.36 -22.12
N LEU F 52 8.51 31.86 -21.00
CA LEU F 52 8.12 32.31 -19.66
C LEU F 52 9.13 33.28 -19.03
N PHE F 53 10.42 32.99 -19.21
CA PHE F 53 11.48 33.81 -18.66
C PHE F 53 12.70 33.90 -19.57
N THR F 54 13.58 34.86 -19.27
CA THR F 54 14.80 35.08 -20.04
C THR F 54 16.05 34.90 -19.19
N SER F 55 17.15 34.51 -19.85
CA SER F 55 18.41 34.30 -19.16
C SER F 55 18.97 35.62 -18.66
N LYS F 56 18.50 36.72 -19.24
CA LYS F 56 18.95 38.07 -18.88
C LYS F 56 18.38 38.51 -17.54
N ASP F 57 17.10 38.20 -17.32
CA ASP F 57 16.42 38.55 -16.08
C ASP F 57 16.60 37.47 -15.00
N LYS F 58 17.48 36.51 -15.25
CA LYS F 58 17.76 35.44 -14.29
C LYS F 58 18.97 35.85 -13.45
N PHE F 59 18.76 36.02 -12.14
CA PHE F 59 19.85 36.41 -11.27
C PHE F 59 20.27 35.29 -10.33
N ASP F 60 21.48 35.40 -9.82
CA ASP F 60 22.00 34.40 -8.90
C ASP F 60 21.34 34.60 -7.53
N SER F 61 20.91 33.48 -6.94
CA SER F 61 20.27 33.48 -5.64
C SER F 61 20.82 32.33 -4.81
N GLN F 62 20.45 32.28 -3.54
CA GLN F 62 20.91 31.21 -2.67
C GLN F 62 19.76 30.31 -2.24
N CYS F 63 18.60 30.48 -2.86
CA CYS F 63 17.45 29.67 -2.51
C CYS F 63 17.56 28.25 -3.09
N GLY F 64 18.19 28.12 -4.25
CA GLY F 64 18.35 26.80 -4.84
C GLY F 64 17.34 26.43 -5.93
N TRP F 65 16.75 27.44 -6.54
CA TRP F 65 15.78 27.24 -7.62
C TRP F 65 16.06 28.38 -8.57
N PRO F 66 15.83 28.17 -9.87
CA PRO F 66 16.10 29.30 -10.77
C PRO F 66 15.23 30.48 -10.33
N SER F 67 15.77 31.69 -10.48
CA SER F 67 15.05 32.91 -10.10
C SER F 67 15.23 33.97 -11.15
N PHE F 68 14.16 34.72 -11.40
CA PHE F 68 14.15 35.78 -12.39
C PHE F 68 13.52 37.05 -11.82
N THR F 69 14.17 38.19 -12.02
CA THR F 69 13.65 39.46 -11.51
C THR F 69 12.23 39.71 -12.01
N LYS F 70 11.97 39.33 -13.26
CA LYS F 70 10.65 39.49 -13.85
C LYS F 70 10.48 38.63 -15.10
N PRO F 71 9.23 38.21 -15.38
CA PRO F 71 8.91 37.37 -16.52
C PRO F 71 8.77 38.15 -17.84
N ILE F 72 8.57 37.42 -18.93
CA ILE F 72 8.42 38.03 -20.24
C ILE F 72 6.96 37.88 -20.71
N GLU F 73 6.53 38.76 -21.60
CA GLU F 73 5.17 38.75 -22.12
C GLU F 73 4.17 38.65 -20.97
N GLU F 74 2.92 38.33 -21.30
CA GLU F 74 1.90 38.19 -20.29
C GLU F 74 1.57 36.71 -20.14
N GLU F 75 2.58 35.88 -20.38
CA GLU F 75 2.43 34.44 -20.30
C GLU F 75 2.49 33.93 -18.87
N VAL F 76 3.10 34.72 -17.98
CA VAL F 76 3.19 34.34 -16.56
C VAL F 76 2.14 35.12 -15.78
N GLU F 77 1.38 34.42 -14.95
CA GLU F 77 0.33 35.05 -14.18
C GLU F 77 0.45 34.85 -12.68
N GLU F 78 0.25 35.91 -11.92
CA GLU F 78 0.33 35.85 -10.46
C GLU F 78 -1.05 35.63 -9.84
N LYS F 79 -1.15 34.62 -8.98
CA LYS F 79 -2.40 34.28 -8.32
C LYS F 79 -2.20 34.29 -6.80
N LEU F 80 -3.19 34.76 -6.05
CA LEU F 80 -3.06 34.80 -4.61
C LEU F 80 -3.12 33.37 -4.11
N ASP F 81 -2.04 32.94 -3.46
CA ASP F 81 -1.95 31.58 -2.96
C ASP F 81 -2.02 31.54 -1.44
N THR F 82 -3.07 30.91 -0.92
CA THR F 82 -3.26 30.78 0.51
C THR F 82 -3.07 29.31 0.94
N SER F 83 -2.18 28.62 0.23
CA SER F 83 -1.88 27.22 0.51
C SER F 83 -1.10 27.05 1.81
N HIS F 84 -1.32 25.91 2.47
CA HIS F 84 -0.63 25.58 3.71
C HIS F 84 -0.74 26.62 4.81
N GLY F 85 -1.94 27.15 5.01
CA GLY F 85 -2.14 28.14 6.04
C GLY F 85 -1.14 29.28 5.93
N MET F 86 -1.07 29.88 4.75
CA MET F 86 -0.16 30.99 4.54
C MET F 86 -0.68 31.95 3.47
N ILE F 87 -0.02 33.10 3.37
CA ILE F 87 -0.37 34.11 2.39
C ILE F 87 0.86 34.36 1.54
N ARG F 88 0.78 33.99 0.26
CA ARG F 88 1.88 34.19 -0.66
C ARG F 88 1.33 34.61 -2.01
N THR F 89 2.18 34.50 -3.03
CA THR F 89 1.78 34.86 -4.39
C THR F 89 2.30 33.77 -5.32
N GLU F 90 1.40 32.97 -5.84
CA GLU F 90 1.79 31.89 -6.75
C GLU F 90 1.96 32.47 -8.15
N VAL F 91 2.59 31.69 -9.00
CA VAL F 91 2.78 32.08 -10.39
C VAL F 91 2.54 30.84 -11.22
N ARG F 92 1.86 31.03 -12.34
CA ARG F 92 1.51 29.94 -13.26
C ARG F 92 1.46 30.48 -14.67
N SER F 93 1.76 29.64 -15.65
CA SER F 93 1.70 30.09 -17.04
C SER F 93 0.22 30.29 -17.36
N ARG F 94 -0.07 31.12 -18.36
CA ARG F 94 -1.45 31.40 -18.73
C ARG F 94 -1.98 30.32 -19.67
N THR F 95 -1.30 30.17 -20.80
CA THR F 95 -1.67 29.21 -21.83
C THR F 95 -1.70 27.75 -21.35
N ALA F 96 -0.66 27.32 -20.64
CA ALA F 96 -0.61 25.93 -20.17
C ALA F 96 -1.31 25.69 -18.83
N ASP F 97 -1.34 26.70 -17.97
CA ASP F 97 -1.98 26.59 -16.65
C ASP F 97 -1.18 25.71 -15.69
N SER F 98 0.14 25.74 -15.86
CA SER F 98 1.03 24.95 -15.02
C SER F 98 1.68 25.78 -13.90
N HIS F 99 1.71 25.17 -12.72
CA HIS F 99 2.31 25.80 -11.54
C HIS F 99 3.76 26.06 -11.85
N LEU F 100 4.17 27.33 -11.76
CA LEU F 100 5.57 27.69 -12.04
C LEU F 100 6.33 27.70 -10.73
N GLY F 101 5.79 28.43 -9.75
CA GLY F 101 6.41 28.53 -8.45
C GLY F 101 5.79 29.69 -7.69
N HIS F 102 6.63 30.60 -7.19
CA HIS F 102 6.13 31.77 -6.46
C HIS F 102 7.02 33.00 -6.65
N VAL F 103 6.47 34.18 -6.34
CA VAL F 103 7.23 35.44 -6.45
C VAL F 103 7.36 36.06 -5.08
N PHE F 104 8.32 36.95 -4.92
CA PHE F 104 8.54 37.58 -3.64
C PHE F 104 8.99 39.03 -3.82
N ASN F 105 9.27 39.70 -2.72
CA ASN F 105 9.71 41.10 -2.76
C ASN F 105 11.09 41.27 -2.10
N ASP F 106 11.90 40.22 -2.17
CA ASP F 106 13.23 40.24 -1.59
C ASP F 106 14.29 40.22 -2.69
N GLY F 107 13.83 40.24 -3.94
CA GLY F 107 14.74 40.20 -5.07
C GLY F 107 15.31 41.55 -5.46
N PRO F 108 16.40 41.56 -6.25
CA PRO F 108 17.05 42.80 -6.70
C PRO F 108 16.09 43.69 -7.47
N GLY F 109 16.18 45.01 -7.27
CA GLY F 109 15.30 45.92 -7.96
C GLY F 109 15.42 45.83 -9.47
N PRO F 110 14.99 46.86 -10.22
CA PRO F 110 14.39 48.09 -9.67
C PRO F 110 12.97 47.86 -9.15
N ASN F 111 12.39 46.71 -9.51
CA ASN F 111 11.04 46.38 -9.08
C ASN F 111 11.00 45.72 -7.70
N GLY F 112 12.06 45.00 -7.36
CA GLY F 112 12.10 44.36 -6.05
C GLY F 112 11.50 42.97 -6.02
N LEU F 113 10.88 42.56 -7.13
CA LEU F 113 10.27 41.24 -7.20
C LEU F 113 11.32 40.16 -7.41
N ARG F 114 10.91 38.92 -7.16
CA ARG F 114 11.78 37.77 -7.32
C ARG F 114 10.94 36.56 -7.65
N TYR F 115 11.02 36.14 -8.91
CA TYR F 115 10.27 34.98 -9.37
C TYR F 115 11.09 33.72 -9.12
N CYS F 116 10.59 32.87 -8.23
CA CYS F 116 11.28 31.63 -7.89
C CYS F 116 10.51 30.50 -8.60
N ILE F 117 11.01 30.09 -9.76
CA ILE F 117 10.36 29.04 -10.52
C ILE F 117 11.11 27.71 -10.48
N ASN F 118 10.37 26.62 -10.57
CA ASN F 118 10.96 25.28 -10.56
C ASN F 118 11.61 25.01 -11.92
N SER F 119 12.70 24.24 -11.91
CA SER F 119 13.37 23.88 -13.15
C SER F 119 12.44 22.94 -13.93
N ALA F 120 11.74 22.08 -13.19
CA ALA F 120 10.81 21.10 -13.77
C ALA F 120 9.81 21.70 -14.73
N ALA F 121 9.33 22.89 -14.42
CA ALA F 121 8.34 23.58 -15.25
C ALA F 121 8.95 24.34 -16.43
N LEU F 122 10.28 24.31 -16.54
CA LEU F 122 10.96 25.03 -17.62
C LEU F 122 11.73 24.13 -18.59
N ARG F 123 12.00 24.68 -19.78
CA ARG F 123 12.76 23.98 -20.81
C ARG F 123 13.67 25.02 -21.49
N PHE F 124 14.96 24.96 -21.19
CA PHE F 124 15.91 25.91 -21.76
C PHE F 124 16.05 25.84 -23.29
N VAL F 125 16.39 26.98 -23.89
CA VAL F 125 16.60 27.11 -25.34
C VAL F 125 17.71 28.15 -25.57
N PRO F 126 18.87 27.71 -26.06
CA PRO F 126 19.99 28.63 -26.31
C PRO F 126 19.66 29.68 -27.37
N LYS F 127 20.48 30.72 -27.44
CA LYS F 127 20.28 31.78 -28.43
C LYS F 127 20.53 31.22 -29.82
N HIS F 128 21.52 30.35 -29.94
CA HIS F 128 21.87 29.74 -31.22
C HIS F 128 20.75 28.87 -31.78
N LYS F 129 19.74 28.57 -30.96
CA LYS F 129 18.65 27.73 -31.44
C LYS F 129 17.25 28.33 -31.43
N LEU F 130 17.14 29.60 -31.06
CA LEU F 130 15.83 30.26 -31.03
C LEU F 130 15.24 30.46 -32.43
N LYS F 131 16.11 30.79 -33.39
CA LYS F 131 15.69 31.03 -34.76
C LYS F 131 15.15 29.74 -35.39
N GLU F 132 15.98 28.71 -35.39
CA GLU F 132 15.60 27.43 -35.98
C GLU F 132 14.46 26.77 -35.21
N GLU F 133 14.45 26.93 -33.89
CA GLU F 133 13.40 26.34 -33.07
C GLU F 133 12.07 27.10 -33.13
N GLY F 134 11.98 28.06 -34.05
CA GLY F 134 10.76 28.82 -34.21
C GLY F 134 10.50 29.96 -33.25
N TYR F 135 11.54 30.40 -32.54
CA TYR F 135 11.39 31.50 -31.60
C TYR F 135 12.02 32.76 -32.18
N GLU F 136 12.11 32.79 -33.51
CA GLU F 136 12.67 33.93 -34.23
C GLU F 136 12.18 35.24 -33.61
N SER F 137 10.88 35.33 -33.39
CA SER F 137 10.24 36.52 -32.83
C SER F 137 10.79 37.03 -31.50
N TYR F 138 11.39 36.14 -30.71
CA TYR F 138 11.94 36.52 -29.40
C TYR F 138 13.44 36.79 -29.47
N LEU F 139 14.06 36.27 -30.53
CA LEU F 139 15.49 36.40 -30.76
C LEU F 139 15.99 37.84 -30.61
N HIS F 140 15.08 38.79 -30.81
CA HIS F 140 15.42 40.21 -30.70
C HIS F 140 15.83 40.60 -29.29
N LEU F 141 15.28 39.88 -28.31
CA LEU F 141 15.57 40.13 -26.90
C LEU F 141 17.02 39.93 -26.51
N PHE F 142 17.89 39.75 -27.51
CA PHE F 142 19.31 39.55 -27.26
C PHE F 142 20.13 40.53 -28.12
#